data_3UGH
#
_entry.id   3UGH
#
_cell.length_a   88.291
_cell.length_b   123.894
_cell.length_c   146.699
_cell.angle_alpha   90.000
_cell.angle_beta   90.000
_cell.angle_gamma   90.000
#
_symmetry.space_group_name_H-M   'P 21 21 21'
#
loop_
_entity.id
_entity.type
_entity.pdbx_description
1 polymer 'Sucrose:(Sucrose/fructan) 6-fructosyltransferase'
2 branched alpha-L-fucopyranose-(1-3)-[2-acetamido-2-deoxy-beta-D-glucopyranose-(1-4)]2-acetamido-2-deoxy-beta-D-glucopyranose
3 branched beta-D-mannopyranose-(1-4)-2-acetamido-2-deoxy-beta-D-glucopyranose-(1-4)-2-acetamido-2-deoxy-beta-D-glucopyranose
4 branched alpha-D-xylopyranose-(1-2)-[alpha-D-mannopyranose-(1-3)][alpha-D-mannopyranose-(1-6)]beta-D-mannopyranose-(1-4)-2-acetamido-2-deoxy-beta-D-glucopyranose-(1-4)-[alpha-L-fucopyranose-(1-3)]2-acetamido-2-deoxy-beta-D-glucopyranose
5 branched alpha-D-mannopyranose-(1-6)-beta-D-mannopyranose-(1-4)-2-acetamido-2-deoxy-beta-D-glucopyranose-(1-4)-[alpha-L-fucopyranose-(1-3)]2-acetamido-2-deoxy-beta-D-glucopyranose
6 branched beta-D-fructofuranose-(2-6)-beta-D-fructofuranose-(2-1)-alpha-D-glucopyranose
7 non-polymer 2-acetamido-2-deoxy-beta-D-glucopyranose
8 non-polymer 'SULFATE ION'
9 non-polymer GLYCEROL
#
_entity_poly.entity_id   1
_entity_poly.type   'polypeptide(L)'
_entity_poly.pdbx_seq_one_letter_code
;FPDNAVPYPWSNAQLSWQRTAFHFQPERSWMSDPDGPIFYKGWYHFFYQYNPDNPVWGNNTWGHTVSRDLIHWLYLPLAL
AADQWYDMQGVFSGSATCLPDGRIMMLYTGVTKEMVEMLSLAYPADLSDPLLVEWVKYPGNPILSAPPGVSPTEFRDAST
GWYVSNGTWRIAIGAKYNTTGIAMVYETKDFKSFKLLEELLHAVPDTGLWECVDLYPVSTTGEKGLETSVNGPKVKHVLK
ASIDEQQRDYYAIGTYDLGTNKWTPDNPEEDVGIGLRYDWGKYYASKTFYDPKKQRRVVWAWTKELDSEVADREKGWANV
QTIPRTVLLDQKTGTNVLLWPVEEVESLRLSSKEFSKVKAGAGSVVPLDVGTATQLDIIAEFEIDKEALEGTIEADMGYN
CTTSGGAAERGVLGPFGLLVSATENLSEQTPVYFYIAKGTDGNFKTFFCLDESRSSKASDVSKQVKGFTVPVLDGEKFTM
RLLVDHSIVESFAQGGRSCITSRVYPTEAIYGAAKLFLFNNATGASITASLKIWEMNSAFIQPFHR
;
_entity_poly.pdbx_strand_id   A,B
#
# COMPACT_ATOMS: atom_id res chain seq x y z
N PRO A 7 -15.59 5.61 27.88
CA PRO A 7 -14.93 6.32 26.78
C PRO A 7 -13.40 6.17 26.82
N TYR A 8 -12.89 5.23 26.05
CA TYR A 8 -11.47 4.87 26.08
C TYR A 8 -10.58 5.93 25.38
N PRO A 9 -9.42 6.28 26.00
CA PRO A 9 -8.54 7.27 25.41
C PRO A 9 -7.60 6.71 24.33
N TRP A 10 -8.10 6.62 23.10
CA TRP A 10 -7.34 6.07 21.96
C TRP A 10 -6.13 6.94 21.58
N SER A 11 -4.99 6.29 21.33
CA SER A 11 -3.80 6.99 20.87
C SER A 11 -3.81 7.14 19.34
N ASN A 12 -2.88 7.92 18.79
CA ASN A 12 -2.74 8.05 17.35
C ASN A 12 -2.39 6.71 16.71
N ALA A 13 -1.49 5.97 17.37
CA ALA A 13 -0.99 4.70 16.86
C ALA A 13 -2.07 3.61 16.80
N GLN A 14 -2.96 3.60 17.79
CA GLN A 14 -4.07 2.65 17.82
C GLN A 14 -5.07 2.92 16.71
N LEU A 15 -5.37 4.21 16.49
CA LEU A 15 -6.35 4.62 15.49
C LEU A 15 -5.86 4.44 14.06
N SER A 16 -4.58 4.70 13.82
CA SER A 16 -4.00 4.53 12.48
C SER A 16 -3.92 3.07 12.10
N TRP A 17 -3.70 2.21 13.08
CA TRP A 17 -3.66 0.75 12.85
C TRP A 17 -4.98 0.21 12.29
N GLN A 18 -6.07 0.90 12.59
CA GLN A 18 -7.40 0.45 12.19
C GLN A 18 -7.66 0.53 10.67
N ARG A 19 -6.92 1.40 9.98
CA ARG A 19 -6.99 1.45 8.51
C ARG A 19 -6.55 0.13 7.90
N THR A 20 -7.35 -0.38 6.96
CA THR A 20 -7.11 -1.69 6.38
C THR A 20 -6.07 -1.62 5.26
N ALA A 21 -5.33 -2.71 5.08
CA ALA A 21 -4.29 -2.80 4.07
C ALA A 21 -4.83 -3.10 2.68
N PHE A 22 -5.87 -3.92 2.61
CA PHE A 22 -6.36 -4.40 1.32
C PHE A 22 -7.87 -4.41 1.10
N HIS A 23 -8.62 -3.79 2.00
CA HIS A 23 -10.05 -3.61 1.76
C HIS A 23 -10.30 -2.21 1.20
N PHE A 24 -11.41 -2.04 0.47
CA PHE A 24 -11.70 -0.72 -0.08
C PHE A 24 -12.31 0.23 0.93
N GLN A 25 -11.72 1.41 0.99
CA GLN A 25 -12.24 2.55 1.73
C GLN A 25 -11.65 3.81 1.10
N PRO A 26 -12.38 4.94 1.18
CA PRO A 26 -11.84 6.20 0.65
C PRO A 26 -10.67 6.71 1.49
N GLU A 27 -10.07 7.83 1.10
CA GLU A 27 -8.94 8.40 1.86
C GLU A 27 -9.36 8.76 3.28
N ARG A 28 -10.54 9.36 3.38
CA ARG A 28 -11.09 9.81 4.65
C ARG A 28 -12.61 9.76 4.63
N SER A 29 -13.21 10.07 5.77
CA SER A 29 -14.64 10.30 5.90
C SER A 29 -15.53 9.05 5.84
N TRP A 30 -16.84 9.27 5.82
CA TRP A 30 -17.84 8.21 5.84
C TRP A 30 -18.10 7.59 4.46
N MET A 31 -18.19 6.26 4.43
CA MET A 31 -18.67 5.53 3.26
C MET A 31 -19.64 4.44 3.69
N SER A 32 -20.71 4.23 2.93
CA SER A 32 -21.63 3.10 3.22
C SER A 32 -22.10 2.33 1.98
N ASP A 33 -23.41 2.32 1.73
CA ASP A 33 -24.05 1.48 0.69
C ASP A 33 -23.33 1.43 -0.67
N PRO A 34 -23.02 0.21 -1.16
CA PRO A 34 -22.58 0.04 -2.55
C PRO A 34 -23.65 0.51 -3.52
N ASP A 35 -23.22 1.12 -4.62
CA ASP A 35 -24.14 1.68 -5.60
C ASP A 35 -23.72 1.27 -7.01
N GLY A 36 -24.72 1.02 -7.85
CA GLY A 36 -24.54 0.54 -9.23
C GLY A 36 -23.18 0.01 -9.67
N PRO A 37 -22.75 -1.15 -9.11
CA PRO A 37 -21.50 -1.72 -9.62
C PRO A 37 -21.70 -2.33 -11.00
N ILE A 38 -20.76 -2.08 -11.90
CA ILE A 38 -20.78 -2.69 -13.23
C ILE A 38 -19.38 -3.08 -13.64
N PHE A 39 -19.28 -3.87 -14.71
CA PHE A 39 -18.04 -4.05 -15.41
C PHE A 39 -18.19 -3.39 -16.78
N TYR A 40 -17.26 -2.51 -17.12
CA TYR A 40 -17.36 -1.74 -18.35
C TYR A 40 -16.00 -1.48 -18.96
N LYS A 41 -15.85 -1.93 -20.21
CA LYS A 41 -14.64 -1.71 -21.03
C LYS A 41 -13.33 -1.98 -20.28
N GLY A 42 -13.23 -3.16 -19.67
CA GLY A 42 -11.99 -3.57 -19.01
C GLY A 42 -11.83 -3.09 -17.57
N TRP A 43 -12.76 -2.26 -17.11
CA TRP A 43 -12.73 -1.74 -15.75
C TRP A 43 -13.90 -2.26 -14.91
N TYR A 44 -13.60 -2.61 -13.67
CA TYR A 44 -14.63 -2.83 -12.67
C TYR A 44 -14.99 -1.50 -12.00
N HIS A 45 -16.26 -1.14 -12.07
CA HIS A 45 -16.71 0.12 -11.49
C HIS A 45 -17.42 -0.14 -10.18
N PHE A 46 -17.10 0.66 -9.19
CA PHE A 46 -17.78 0.61 -7.91
C PHE A 46 -18.15 2.03 -7.47
N PHE A 47 -19.42 2.23 -7.14
CA PHE A 47 -19.90 3.51 -6.61
C PHE A 47 -20.33 3.27 -5.17
N TYR A 48 -20.27 4.30 -4.33
CA TYR A 48 -20.61 4.14 -2.92
C TYR A 48 -21.17 5.40 -2.29
N GLN A 49 -22.04 5.24 -1.30
CA GLN A 49 -22.50 6.34 -0.47
C GLN A 49 -21.32 6.98 0.24
N TYR A 50 -21.22 8.30 0.11
CA TYR A 50 -20.09 9.03 0.63
C TYR A 50 -20.53 10.35 1.24
N ASN A 51 -20.12 10.60 2.49
CA ASN A 51 -20.26 11.91 3.10
C ASN A 51 -18.92 12.64 3.01
N PRO A 52 -18.86 13.73 2.21
CA PRO A 52 -17.60 14.46 2.04
C PRO A 52 -17.17 15.22 3.28
N ASP A 53 -18.11 15.51 4.16
CA ASP A 53 -17.86 16.44 5.26
C ASP A 53 -17.32 15.79 6.53
N ASN A 54 -18.01 14.75 7.02
CA ASN A 54 -17.65 14.14 8.29
C ASN A 54 -17.82 12.62 8.29
N PRO A 55 -17.05 11.92 9.14
CA PRO A 55 -17.14 10.46 9.23
C PRO A 55 -18.44 9.94 9.87
N VAL A 56 -19.57 10.56 9.52
CA VAL A 56 -20.90 10.08 9.89
C VAL A 56 -21.84 10.09 8.68
N TRP A 57 -22.94 9.35 8.76
CA TRP A 57 -24.04 9.46 7.81
C TRP A 57 -24.67 10.85 8.00
N GLY A 58 -24.79 11.67 6.96
CA GLY A 58 -24.29 11.45 5.61
C GLY A 58 -24.85 12.58 4.76
N ASN A 59 -23.99 13.44 4.23
CA ASN A 59 -24.43 14.45 3.26
C ASN A 59 -24.32 13.80 1.87
N ASN A 60 -25.19 12.82 1.65
CA ASN A 60 -25.01 11.76 0.66
C ASN A 60 -24.63 12.14 -0.79
N THR A 61 -23.49 11.63 -1.21
CA THR A 61 -23.02 11.72 -2.59
C THR A 61 -22.50 10.36 -3.04
N TRP A 62 -22.29 10.18 -4.34
CA TRP A 62 -21.77 8.93 -4.87
C TRP A 62 -20.28 9.00 -5.18
N GLY A 63 -19.49 8.32 -4.35
CA GLY A 63 -18.07 8.13 -4.61
C GLY A 63 -17.90 7.15 -5.75
N HIS A 64 -16.76 7.22 -6.43
CA HIS A 64 -16.51 6.39 -7.59
C HIS A 64 -15.07 5.93 -7.58
N THR A 65 -14.87 4.67 -7.93
CA THR A 65 -13.55 4.06 -7.95
C THR A 65 -13.56 2.94 -8.99
N VAL A 66 -12.38 2.60 -9.51
CA VAL A 66 -12.24 1.57 -10.55
C VAL A 66 -11.08 0.64 -10.26
N SER A 67 -11.16 -0.59 -10.77
CA SER A 67 -10.05 -1.53 -10.69
C SER A 67 -10.08 -2.52 -11.83
N ARG A 68 -8.92 -3.11 -12.11
CA ARG A 68 -8.80 -4.14 -13.14
C ARG A 68 -9.25 -5.52 -12.65
N ASP A 69 -9.20 -5.72 -11.34
CA ASP A 69 -9.27 -7.05 -10.75
C ASP A 69 -10.06 -7.11 -9.43
N LEU A 70 -11.05 -6.22 -9.28
CA LEU A 70 -11.87 -6.12 -8.06
C LEU A 70 -11.06 -5.96 -6.76
N ILE A 71 -9.78 -5.63 -6.87
CA ILE A 71 -8.90 -5.59 -5.70
C ILE A 71 -8.04 -4.32 -5.67
N HIS A 72 -7.32 -4.06 -6.76
CA HIS A 72 -6.42 -2.91 -6.81
C HIS A 72 -7.19 -1.66 -7.25
N TRP A 73 -7.89 -1.05 -6.29
CA TRP A 73 -8.78 0.09 -6.57
C TRP A 73 -8.05 1.43 -6.73
N LEU A 74 -8.61 2.28 -7.58
CA LEU A 74 -8.07 3.61 -7.86
C LEU A 74 -9.20 4.62 -7.71
N TYR A 75 -9.02 5.59 -6.82
CA TYR A 75 -10.02 6.63 -6.61
C TYR A 75 -10.25 7.46 -7.88
N LEU A 76 -11.49 7.87 -8.09
CA LEU A 76 -11.82 8.79 -9.18
C LEU A 76 -12.54 10.02 -8.58
N PRO A 77 -12.82 11.04 -9.42
CA PRO A 77 -13.66 12.14 -8.97
C PRO A 77 -15.07 11.67 -8.61
N LEU A 78 -15.68 12.37 -7.66
CA LEU A 78 -17.06 12.10 -7.22
C LEU A 78 -18.01 12.01 -8.42
N ALA A 79 -18.91 11.03 -8.37
CA ALA A 79 -19.77 10.70 -9.52
C ALA A 79 -21.08 11.50 -9.54
N LEU A 80 -21.77 11.54 -8.40
CA LEU A 80 -23.01 12.31 -8.27
C LEU A 80 -22.97 13.13 -6.98
N ALA A 81 -23.47 14.35 -7.06
CA ALA A 81 -23.49 15.25 -5.92
C ALA A 81 -24.94 15.64 -5.59
N ALA A 82 -25.16 16.09 -4.35
CA ALA A 82 -26.46 16.61 -3.94
C ALA A 82 -26.56 18.06 -4.36
N ASP A 83 -26.94 18.29 -5.63
CA ASP A 83 -26.88 19.62 -6.23
C ASP A 83 -28.15 20.08 -6.93
N GLN A 84 -29.19 19.24 -6.91
CA GLN A 84 -30.49 19.59 -7.50
C GLN A 84 -31.57 19.54 -6.42
N TRP A 85 -32.62 20.34 -6.60
CA TRP A 85 -33.69 20.43 -5.60
C TRP A 85 -34.24 19.04 -5.20
N TYR A 86 -34.31 18.14 -6.18
CA TYR A 86 -34.89 16.82 -5.98
C TYR A 86 -33.92 15.83 -5.32
N ASP A 87 -32.66 16.21 -5.18
CA ASP A 87 -31.70 15.38 -4.46
C ASP A 87 -30.76 16.18 -3.56
N MET A 88 -31.22 17.35 -3.11
CA MET A 88 -30.40 18.27 -2.31
C MET A 88 -30.03 17.70 -0.94
N GLN A 89 -30.93 16.88 -0.38
CA GLN A 89 -30.70 16.25 0.91
C GLN A 89 -29.89 14.96 0.82
N GLY A 90 -29.51 14.58 -0.38
CA GLY A 90 -28.71 13.38 -0.57
C GLY A 90 -29.00 12.64 -1.85
N VAL A 91 -27.94 12.03 -2.39
CA VAL A 91 -28.09 11.12 -3.51
C VAL A 91 -28.00 9.72 -2.91
N PHE A 92 -29.16 9.13 -2.69
CA PHE A 92 -29.25 7.84 -2.02
C PHE A 92 -28.97 6.71 -3.00
N SER A 93 -29.07 5.49 -2.48
CA SER A 93 -28.63 4.28 -3.17
C SER A 93 -29.33 4.05 -4.52
N GLY A 94 -28.75 3.17 -5.34
CA GLY A 94 -29.30 2.85 -6.65
C GLY A 94 -28.47 1.85 -7.44
N SER A 95 -29.01 1.40 -8.58
CA SER A 95 -28.41 0.34 -9.38
C SER A 95 -28.32 0.70 -10.86
N ALA A 96 -27.42 0.02 -11.57
CA ALA A 96 -27.27 0.26 -13.00
C ALA A 96 -27.91 -0.84 -13.83
N THR A 97 -28.57 -0.45 -14.92
CA THR A 97 -29.00 -1.40 -15.93
C THR A 97 -28.30 -1.08 -17.25
N CYS A 98 -27.64 -2.09 -17.82
CA CYS A 98 -27.02 -1.99 -19.14
C CYS A 98 -28.02 -2.43 -20.20
N LEU A 99 -28.31 -1.55 -21.15
CA LEU A 99 -29.19 -1.90 -22.25
C LEU A 99 -28.40 -2.59 -23.36
N PRO A 100 -29.09 -3.27 -24.30
CA PRO A 100 -28.39 -3.94 -25.41
C PRO A 100 -27.71 -3.02 -26.44
N ASP A 101 -28.08 -1.73 -26.45
CA ASP A 101 -27.45 -0.77 -27.39
C ASP A 101 -26.21 -0.08 -26.83
N GLY A 102 -25.70 -0.57 -25.69
CA GLY A 102 -24.48 -0.04 -25.06
C GLY A 102 -24.71 0.97 -23.96
N ARG A 103 -25.95 1.46 -23.84
CA ARG A 103 -26.31 2.48 -22.84
C ARG A 103 -26.36 1.93 -21.42
N ILE A 104 -25.90 2.75 -20.47
CA ILE A 104 -25.98 2.46 -19.05
C ILE A 104 -26.99 3.41 -18.42
N MET A 105 -28.06 2.84 -17.84
CA MET A 105 -29.06 3.64 -17.13
C MET A 105 -28.89 3.44 -15.64
N MET A 106 -28.51 4.52 -14.95
CA MET A 106 -28.33 4.48 -13.50
C MET A 106 -29.54 5.07 -12.79
N LEU A 107 -30.28 4.22 -12.08
CA LEU A 107 -31.39 4.65 -11.26
C LEU A 107 -30.90 4.90 -9.83
N TYR A 108 -31.24 6.07 -9.29
CA TYR A 108 -30.91 6.39 -7.90
C TYR A 108 -32.08 7.09 -7.22
N THR A 109 -32.10 7.05 -5.89
CA THR A 109 -33.09 7.78 -5.10
C THR A 109 -32.56 9.16 -4.73
N GLY A 110 -33.37 10.18 -4.95
CA GLY A 110 -33.04 11.54 -4.56
C GLY A 110 -33.96 11.99 -3.45
N VAL A 111 -33.39 12.65 -2.44
CA VAL A 111 -34.16 13.13 -1.30
C VAL A 111 -34.20 14.66 -1.31
N THR A 112 -35.40 15.23 -1.27
CA THR A 112 -35.59 16.69 -1.16
C THR A 112 -35.36 17.13 0.28
N LYS A 113 -35.23 18.45 0.51
CA LYS A 113 -35.02 18.95 1.87
C LYS A 113 -36.25 18.76 2.77
N GLU A 114 -37.37 18.37 2.16
CA GLU A 114 -38.59 18.01 2.88
C GLU A 114 -38.56 16.55 3.34
N MET A 115 -37.46 15.86 3.04
CA MET A 115 -37.25 14.43 3.36
C MET A 115 -38.02 13.48 2.44
N VAL A 116 -38.55 14.02 1.35
CA VAL A 116 -39.31 13.22 0.38
C VAL A 116 -38.36 12.51 -0.58
N GLU A 117 -38.58 11.21 -0.77
CA GLU A 117 -37.70 10.39 -1.61
C GLU A 117 -38.36 10.05 -2.95
N MET A 118 -37.68 10.36 -4.04
CA MET A 118 -38.20 10.11 -5.39
C MET A 118 -37.15 9.46 -6.27
N LEU A 119 -37.58 8.70 -7.26
CA LEU A 119 -36.64 8.06 -8.18
C LEU A 119 -36.19 9.01 -9.27
N SER A 120 -34.90 8.94 -9.59
CA SER A 120 -34.30 9.77 -10.64
C SER A 120 -33.27 8.96 -11.43
N LEU A 121 -32.99 9.45 -12.64
CA LEU A 121 -32.09 8.78 -13.57
C LEU A 121 -30.81 9.56 -13.77
N ALA A 122 -29.70 8.84 -13.82
CA ALA A 122 -28.43 9.40 -14.25
C ALA A 122 -27.80 8.43 -15.25
N TYR A 123 -26.96 8.97 -16.11
CA TYR A 123 -26.29 8.19 -17.15
C TYR A 123 -24.94 8.82 -17.51
N PRO A 124 -24.02 8.02 -18.08
CA PRO A 124 -22.70 8.55 -18.44
C PRO A 124 -22.81 9.69 -19.44
N ALA A 125 -22.02 10.73 -19.20
CA ALA A 125 -21.93 11.86 -20.11
C ALA A 125 -21.26 11.46 -21.41
N ASP A 126 -20.43 10.43 -21.34
CA ASP A 126 -19.57 10.02 -22.45
C ASP A 126 -19.30 8.51 -22.36
N LEU A 127 -20.09 7.75 -23.11
CA LEU A 127 -19.97 6.29 -23.13
C LEU A 127 -18.68 5.77 -23.78
N SER A 128 -17.91 6.64 -24.43
CA SER A 128 -16.63 6.23 -25.02
C SER A 128 -15.50 6.23 -23.99
N ASP A 129 -15.75 6.84 -22.83
CA ASP A 129 -14.77 6.89 -21.74
C ASP A 129 -14.90 5.67 -20.82
N PRO A 130 -13.93 4.74 -20.87
CA PRO A 130 -13.99 3.52 -20.06
C PRO A 130 -14.09 3.84 -18.57
N LEU A 131 -13.50 4.96 -18.16
CA LEU A 131 -13.46 5.35 -16.75
C LEU A 131 -14.78 5.93 -16.25
N LEU A 132 -15.65 6.33 -17.17
CA LEU A 132 -16.97 6.88 -16.86
C LEU A 132 -16.93 7.94 -15.74
N VAL A 133 -16.05 8.93 -15.90
CA VAL A 133 -15.80 9.97 -14.90
C VAL A 133 -17.03 10.86 -14.68
N GLU A 134 -17.49 11.51 -15.76
CA GLU A 134 -18.57 12.49 -15.68
C GLU A 134 -19.92 11.84 -15.82
N TRP A 135 -20.82 12.19 -14.90
CA TRP A 135 -22.20 11.72 -14.94
C TRP A 135 -23.20 12.86 -15.09
N VAL A 136 -24.24 12.60 -15.87
CA VAL A 136 -25.25 13.60 -16.16
C VAL A 136 -26.58 13.14 -15.57
N LYS A 137 -27.30 14.07 -14.97
CA LYS A 137 -28.64 13.79 -14.47
C LYS A 137 -29.67 14.05 -15.56
N TYR A 138 -30.60 13.11 -15.71
CA TYR A 138 -31.65 13.20 -16.73
C TYR A 138 -32.47 14.48 -16.55
N PRO A 139 -32.50 15.36 -17.58
CA PRO A 139 -33.21 16.65 -17.55
C PRO A 139 -34.64 16.60 -17.01
N GLY A 140 -35.31 15.45 -17.14
CA GLY A 140 -36.69 15.29 -16.67
C GLY A 140 -36.84 14.65 -15.29
N ASN A 141 -35.80 14.75 -14.46
CA ASN A 141 -35.87 14.30 -13.07
C ASN A 141 -36.69 15.26 -12.22
N PRO A 142 -37.40 14.73 -11.19
CA PRO A 142 -37.50 13.32 -10.83
C PRO A 142 -38.55 12.60 -11.68
N ILE A 143 -38.44 11.29 -11.77
CA ILE A 143 -39.26 10.53 -12.70
C ILE A 143 -40.34 9.68 -12.03
N LEU A 144 -40.26 9.50 -10.72
CA LEU A 144 -41.18 8.61 -10.01
C LEU A 144 -41.31 8.95 -8.54
N SER A 145 -42.55 9.12 -8.09
CA SER A 145 -42.81 9.33 -6.66
C SER A 145 -43.59 8.15 -6.08
N ALA A 146 -43.68 8.10 -4.76
CA ALA A 146 -44.34 6.99 -4.05
C ALA A 146 -45.79 6.80 -4.48
N PRO A 147 -46.22 5.54 -4.65
CA PRO A 147 -47.61 5.16 -4.88
C PRO A 147 -48.45 5.31 -3.60
N PRO A 148 -49.80 5.26 -3.71
CA PRO A 148 -50.66 5.45 -2.54
C PRO A 148 -50.29 4.60 -1.32
N GLY A 149 -50.09 3.29 -1.52
CA GLY A 149 -49.81 2.40 -0.40
C GLY A 149 -48.58 2.76 0.42
N VAL A 150 -47.59 3.33 -0.25
CA VAL A 150 -46.24 3.48 0.31
C VAL A 150 -45.96 4.92 0.74
N SER A 151 -45.22 5.07 1.83
CA SER A 151 -44.82 6.38 2.34
C SER A 151 -43.80 7.09 1.45
N PRO A 152 -44.03 8.38 1.15
CA PRO A 152 -43.15 9.18 0.30
C PRO A 152 -41.82 9.59 0.95
N THR A 153 -41.68 9.30 2.24
CA THR A 153 -40.42 9.53 2.95
C THR A 153 -39.65 8.21 3.11
N GLU A 154 -40.18 7.17 2.50
CA GLU A 154 -39.62 5.82 2.60
C GLU A 154 -39.89 5.04 1.31
N PHE A 155 -39.37 5.57 0.20
CA PHE A 155 -39.61 5.04 -1.12
C PHE A 155 -38.28 5.06 -1.85
N ARG A 156 -37.53 3.96 -1.75
CA ARG A 156 -36.12 3.95 -2.14
C ARG A 156 -35.60 2.64 -2.68
N ASP A 157 -34.40 2.72 -3.29
CA ASP A 157 -33.56 1.56 -3.66
C ASP A 157 -34.11 0.69 -4.77
N ALA A 158 -34.18 1.27 -5.98
CA ALA A 158 -34.47 0.51 -7.20
C ALA A 158 -33.34 -0.45 -7.53
N SER A 159 -33.72 -1.63 -8.02
CA SER A 159 -32.77 -2.69 -8.36
C SER A 159 -32.31 -2.58 -9.79
N THR A 160 -31.34 -3.42 -10.16
CA THR A 160 -30.99 -3.65 -11.57
C THR A 160 -32.19 -4.25 -12.29
N GLY A 161 -32.44 -3.77 -13.51
CA GLY A 161 -33.56 -4.28 -14.30
C GLY A 161 -33.34 -5.65 -14.91
N TRP A 162 -34.43 -6.35 -15.17
CA TRP A 162 -34.37 -7.60 -15.93
C TRP A 162 -35.35 -7.56 -17.11
N TYR A 163 -34.92 -8.12 -18.23
CA TYR A 163 -35.69 -8.03 -19.47
C TYR A 163 -36.90 -8.97 -19.49
N VAL A 164 -37.99 -8.50 -20.11
CA VAL A 164 -39.20 -9.29 -20.26
C VAL A 164 -39.43 -9.63 -21.73
N SER A 165 -39.96 -8.67 -22.49
CA SER A 165 -40.09 -8.74 -23.96
C SER A 165 -40.61 -7.43 -24.53
N ASN A 166 -40.70 -7.36 -25.86
CA ASN A 166 -41.17 -6.17 -26.61
C ASN A 166 -40.48 -4.87 -26.18
N GLY A 167 -39.27 -5.01 -25.61
CA GLY A 167 -38.49 -3.87 -25.14
C GLY A 167 -38.83 -3.43 -23.72
N THR A 168 -39.57 -4.27 -23.01
CA THR A 168 -39.99 -4.00 -21.63
C THR A 168 -39.01 -4.60 -20.64
N TRP A 169 -38.60 -3.77 -19.67
CA TRP A 169 -37.74 -4.17 -18.56
C TRP A 169 -38.49 -4.02 -17.24
N ARG A 170 -38.07 -4.78 -16.23
CA ARG A 170 -38.63 -4.67 -14.88
C ARG A 170 -37.57 -4.32 -13.86
N ILE A 171 -37.94 -3.50 -12.88
CA ILE A 171 -37.08 -3.22 -11.72
C ILE A 171 -37.86 -3.49 -10.43
N ALA A 172 -37.12 -3.74 -9.36
CA ALA A 172 -37.75 -4.02 -8.09
C ALA A 172 -37.44 -2.92 -7.08
N ILE A 173 -38.49 -2.44 -6.42
CA ILE A 173 -38.37 -1.47 -5.33
C ILE A 173 -39.02 -2.07 -4.10
N GLY A 174 -38.24 -2.27 -3.05
CA GLY A 174 -38.75 -2.78 -1.79
C GLY A 174 -39.40 -1.68 -0.98
N ALA A 175 -40.32 -2.08 -0.10
CA ALA A 175 -41.01 -1.16 0.81
C ALA A 175 -41.76 -1.97 1.88
N LYS A 176 -42.83 -1.40 2.41
CA LYS A 176 -43.67 -2.13 3.36
C LYS A 176 -45.13 -1.70 3.33
N TYR A 177 -46.00 -2.65 3.68
CA TYR A 177 -47.37 -2.35 4.05
C TYR A 177 -47.49 -2.69 5.53
N ASN A 178 -47.73 -1.67 6.37
CA ASN A 178 -47.77 -1.84 7.83
C ASN A 178 -46.46 -2.44 8.36
N THR A 179 -46.47 -3.72 8.70
CA THR A 179 -45.27 -4.42 9.16
C THR A 179 -44.85 -5.51 8.17
N THR A 180 -45.53 -5.54 7.02
CA THR A 180 -45.25 -6.54 5.99
C THR A 180 -44.24 -6.00 5.01
N GLY A 181 -43.08 -6.67 4.92
CA GLY A 181 -42.07 -6.32 3.93
C GLY A 181 -42.56 -6.75 2.55
N ILE A 182 -42.44 -5.84 1.59
CA ILE A 182 -42.92 -6.08 0.23
C ILE A 182 -41.88 -5.67 -0.80
N ALA A 183 -42.05 -6.15 -2.02
CA ALA A 183 -41.21 -5.77 -3.14
C ALA A 183 -42.08 -5.48 -4.36
N MET A 184 -42.14 -4.21 -4.73
CA MET A 184 -42.92 -3.78 -5.88
C MET A 184 -42.13 -3.93 -7.16
N VAL A 185 -42.83 -4.17 -8.26
CA VAL A 185 -42.21 -4.21 -9.57
C VAL A 185 -42.81 -3.14 -10.48
N TYR A 186 -41.94 -2.37 -11.13
CA TYR A 186 -42.31 -1.38 -12.12
C TYR A 186 -41.83 -1.83 -13.51
N GLU A 187 -42.61 -1.51 -14.53
CA GLU A 187 -42.23 -1.79 -15.92
C GLU A 187 -41.86 -0.51 -16.65
N THR A 188 -40.86 -0.62 -17.52
CA THR A 188 -40.31 0.53 -18.23
C THR A 188 -39.87 0.09 -19.62
N LYS A 189 -39.78 1.04 -20.54
CA LYS A 189 -39.23 0.77 -21.88
C LYS A 189 -38.01 1.62 -22.18
N ASP A 190 -37.79 2.67 -21.38
CA ASP A 190 -36.79 3.68 -21.66
C ASP A 190 -36.05 4.15 -20.40
N PHE A 191 -36.48 3.63 -19.25
CA PHE A 191 -35.96 4.05 -17.93
C PHE A 191 -36.21 5.52 -17.60
N LYS A 192 -37.26 6.08 -18.19
CA LYS A 192 -37.68 7.45 -17.96
C LYS A 192 -39.11 7.51 -17.45
N SER A 193 -39.90 6.49 -17.77
CA SER A 193 -41.27 6.37 -17.29
C SER A 193 -41.48 4.98 -16.72
N PHE A 194 -42.27 4.90 -15.66
CA PHE A 194 -42.51 3.64 -14.96
C PHE A 194 -43.99 3.41 -14.69
N LYS A 195 -44.42 2.17 -14.90
CA LYS A 195 -45.80 1.78 -14.61
C LYS A 195 -45.76 0.70 -13.53
N LEU A 196 -46.51 0.94 -12.45
CA LEU A 196 -46.54 0.03 -11.31
C LEU A 196 -47.43 -1.18 -11.57
N LEU A 197 -46.88 -2.37 -11.41
CA LEU A 197 -47.63 -3.60 -11.60
C LEU A 197 -48.54 -3.88 -10.41
N GLU A 198 -49.69 -4.46 -10.69
CA GLU A 198 -50.70 -4.78 -9.69
C GLU A 198 -50.20 -5.83 -8.69
N GLU A 199 -49.54 -6.87 -9.22
CA GLU A 199 -49.02 -7.97 -8.41
C GLU A 199 -47.65 -7.63 -7.84
N LEU A 200 -47.49 -7.87 -6.53
CA LEU A 200 -46.18 -7.75 -5.88
C LEU A 200 -45.30 -8.93 -6.27
N LEU A 201 -43.99 -8.69 -6.30
CA LEU A 201 -43.01 -9.76 -6.54
C LEU A 201 -43.13 -10.82 -5.45
N HIS A 202 -43.26 -10.35 -4.20
CA HIS A 202 -43.43 -11.18 -3.01
C HIS A 202 -43.69 -10.30 -1.81
N ALA A 203 -44.16 -10.90 -0.72
CA ALA A 203 -44.42 -10.21 0.54
C ALA A 203 -44.24 -11.17 1.70
N VAL A 204 -43.65 -10.70 2.80
CA VAL A 204 -43.49 -11.53 4.00
C VAL A 204 -43.95 -10.76 5.25
N PRO A 205 -44.89 -11.34 6.01
CA PRO A 205 -45.40 -10.71 7.23
C PRO A 205 -44.33 -10.54 8.32
N ASP A 206 -44.46 -9.47 9.10
CA ASP A 206 -43.61 -9.19 10.26
C ASP A 206 -42.09 -9.07 9.98
N THR A 207 -41.73 -8.50 8.83
CA THR A 207 -40.31 -8.24 8.54
C THR A 207 -39.95 -6.77 8.65
N GLY A 208 -40.93 -5.92 8.41
CA GLY A 208 -40.69 -4.49 8.35
C GLY A 208 -40.16 -4.11 6.97
N LEU A 209 -39.75 -2.85 6.83
CA LEU A 209 -39.25 -2.31 5.57
C LEU A 209 -38.19 -3.19 4.91
N TRP A 210 -38.35 -3.40 3.60
CA TRP A 210 -37.35 -4.06 2.76
C TRP A 210 -36.52 -3.00 2.00
N GLU A 211 -35.23 -2.95 2.29
CA GLU A 211 -34.29 -2.09 1.55
C GLU A 211 -33.49 -2.93 0.55
N CYS A 212 -32.87 -2.26 -0.42
CA CYS A 212 -32.06 -2.92 -1.46
C CYS A 212 -32.54 -4.31 -1.85
N VAL A 213 -33.71 -4.43 -2.47
CA VAL A 213 -34.10 -5.77 -2.89
C VAL A 213 -33.30 -6.17 -4.13
N ASP A 214 -33.01 -7.46 -4.24
CA ASP A 214 -32.20 -7.98 -5.32
C ASP A 214 -32.83 -9.28 -5.79
N LEU A 215 -33.12 -9.35 -7.09
CA LEU A 215 -33.62 -10.56 -7.72
C LEU A 215 -32.61 -10.99 -8.77
N TYR A 216 -32.15 -12.22 -8.70
CA TYR A 216 -31.18 -12.72 -9.68
C TYR A 216 -31.21 -14.23 -9.88
N PRO A 217 -30.87 -14.68 -11.10
CA PRO A 217 -30.78 -16.10 -11.39
C PRO A 217 -29.52 -16.75 -10.85
N VAL A 218 -29.65 -18.00 -10.44
CA VAL A 218 -28.52 -18.87 -10.13
C VAL A 218 -28.66 -20.20 -10.86
N SER A 219 -27.54 -20.72 -11.33
CA SER A 219 -27.51 -21.98 -12.06
C SER A 219 -27.66 -23.17 -11.11
N THR A 220 -28.43 -24.16 -11.54
CA THR A 220 -28.58 -25.41 -10.78
C THR A 220 -27.63 -26.52 -11.28
N THR A 221 -26.88 -26.25 -12.35
CA THR A 221 -25.93 -27.22 -12.89
C THR A 221 -24.52 -26.68 -13.12
N GLY A 222 -24.43 -25.42 -13.55
CA GLY A 222 -23.13 -24.84 -13.85
C GLY A 222 -22.41 -24.34 -12.61
N GLU A 223 -21.14 -23.99 -12.76
CA GLU A 223 -20.40 -23.28 -11.72
C GLU A 223 -20.15 -21.82 -12.09
N LYS A 224 -20.96 -21.30 -13.02
CA LYS A 224 -20.87 -19.92 -13.47
C LYS A 224 -22.02 -19.08 -12.94
N GLY A 225 -21.81 -17.77 -12.87
CA GLY A 225 -22.90 -16.83 -12.64
C GLY A 225 -23.69 -16.65 -13.92
N LEU A 226 -24.91 -16.12 -13.79
CA LEU A 226 -25.77 -15.91 -14.95
C LEU A 226 -26.13 -14.44 -15.12
N GLU A 227 -26.30 -13.99 -16.36
CA GLU A 227 -26.78 -12.65 -16.64
C GLU A 227 -28.18 -12.49 -16.05
N THR A 228 -28.46 -11.32 -15.47
CA THR A 228 -29.69 -11.06 -14.71
C THR A 228 -31.00 -11.42 -15.42
N SER A 229 -31.06 -11.21 -16.73
CA SER A 229 -32.25 -11.52 -17.52
C SER A 229 -32.44 -13.01 -17.85
N VAL A 230 -31.43 -13.83 -17.56
CA VAL A 230 -31.50 -15.27 -17.79
C VAL A 230 -32.64 -15.91 -16.98
N ASN A 231 -33.44 -16.73 -17.66
CA ASN A 231 -34.51 -17.50 -17.06
C ASN A 231 -34.68 -18.82 -17.81
N GLY A 232 -35.34 -19.79 -17.19
CA GLY A 232 -35.55 -21.08 -17.81
C GLY A 232 -35.94 -22.21 -16.86
N PRO A 233 -35.80 -23.46 -17.32
CA PRO A 233 -36.25 -24.61 -16.52
C PRO A 233 -35.23 -25.03 -15.45
N LYS A 234 -33.94 -24.76 -15.70
CA LYS A 234 -32.87 -25.14 -14.78
C LYS A 234 -32.26 -23.90 -14.13
N VAL A 235 -33.12 -22.92 -13.86
CA VAL A 235 -32.70 -21.65 -13.28
C VAL A 235 -33.52 -21.39 -12.02
N LYS A 236 -32.83 -21.18 -10.90
CA LYS A 236 -33.49 -20.73 -9.68
C LYS A 236 -33.22 -19.25 -9.46
N HIS A 237 -34.07 -18.59 -8.67
CA HIS A 237 -33.92 -17.17 -8.39
C HIS A 237 -33.72 -16.90 -6.91
N VAL A 238 -32.70 -16.10 -6.62
CA VAL A 238 -32.50 -15.62 -5.27
C VAL A 238 -33.21 -14.27 -5.13
N LEU A 239 -34.05 -14.16 -4.11
CA LEU A 239 -34.63 -12.89 -3.74
C LEU A 239 -33.98 -12.47 -2.44
N LYS A 240 -33.48 -11.23 -2.43
CA LYS A 240 -32.74 -10.72 -1.28
C LYS A 240 -33.28 -9.36 -0.85
N ALA A 241 -33.39 -9.16 0.46
CA ALA A 241 -33.74 -7.86 1.00
C ALA A 241 -32.88 -7.49 2.20
N SER A 242 -32.61 -6.20 2.35
CA SER A 242 -32.01 -5.65 3.56
C SER A 242 -33.12 -5.30 4.52
N ILE A 243 -33.05 -5.86 5.73
CA ILE A 243 -34.11 -5.69 6.71
C ILE A 243 -33.73 -4.52 7.62
N ASP A 244 -34.28 -3.35 7.29
CA ASP A 244 -33.93 -2.09 7.92
C ASP A 244 -34.03 -2.14 9.45
N GLU A 245 -35.11 -2.69 9.97
CA GLU A 245 -35.32 -2.77 11.41
C GLU A 245 -34.20 -3.56 12.12
N GLN A 246 -33.57 -4.45 11.37
CA GLN A 246 -32.47 -5.29 11.90
C GLN A 246 -31.09 -4.81 11.50
N GLN A 247 -31.00 -4.03 10.41
CA GLN A 247 -29.73 -3.68 9.76
C GLN A 247 -28.97 -4.94 9.35
N ARG A 248 -29.73 -5.90 8.81
CA ARG A 248 -29.20 -7.21 8.40
C ARG A 248 -29.76 -7.64 7.05
N ASP A 249 -28.93 -8.34 6.27
CA ASP A 249 -29.31 -8.83 4.95
C ASP A 249 -29.79 -10.28 4.97
N TYR A 250 -30.92 -10.52 4.31
CA TYR A 250 -31.52 -11.86 4.23
C TYR A 250 -31.77 -12.23 2.78
N TYR A 251 -31.69 -13.53 2.49
CA TYR A 251 -32.00 -14.05 1.15
C TYR A 251 -32.75 -15.37 1.25
N ALA A 252 -33.44 -15.71 0.17
CA ALA A 252 -34.11 -17.01 0.07
C ALA A 252 -33.93 -17.58 -1.35
N ILE A 253 -34.09 -18.90 -1.46
CA ILE A 253 -33.99 -19.56 -2.76
C ILE A 253 -35.38 -20.00 -3.22
N GLY A 254 -35.72 -19.65 -4.46
CA GLY A 254 -37.01 -20.00 -5.03
C GLY A 254 -37.03 -19.87 -6.54
N THR A 255 -38.23 -19.77 -7.10
CA THR A 255 -38.40 -19.65 -8.54
C THR A 255 -39.20 -18.40 -8.88
N TYR A 256 -38.84 -17.74 -9.99
CA TYR A 256 -39.52 -16.55 -10.48
C TYR A 256 -40.12 -16.81 -11.85
N ASP A 257 -41.41 -16.50 -11.99
CA ASP A 257 -42.13 -16.71 -13.23
C ASP A 257 -42.38 -15.35 -13.93
N LEU A 258 -41.91 -15.23 -15.17
CA LEU A 258 -42.04 -13.98 -15.93
C LEU A 258 -43.48 -13.63 -16.26
N GLY A 259 -44.30 -14.65 -16.52
CA GLY A 259 -45.70 -14.44 -16.83
C GLY A 259 -46.50 -13.92 -15.66
N THR A 260 -46.36 -14.58 -14.52
CA THR A 260 -47.15 -14.26 -13.34
C THR A 260 -46.54 -13.11 -12.52
N ASN A 261 -45.27 -12.79 -12.79
CA ASN A 261 -44.46 -11.84 -12.02
C ASN A 261 -44.33 -12.19 -10.54
N LYS A 262 -44.41 -13.48 -10.23
CA LYS A 262 -44.35 -13.93 -8.85
C LYS A 262 -43.05 -14.66 -8.54
N TRP A 263 -42.46 -14.35 -7.40
CA TRP A 263 -41.37 -15.16 -6.87
C TRP A 263 -41.91 -16.01 -5.73
N THR A 264 -41.61 -17.29 -5.75
CA THR A 264 -42.12 -18.25 -4.77
C THR A 264 -40.95 -18.93 -4.07
N PRO A 265 -40.96 -18.94 -2.72
CA PRO A 265 -39.89 -19.59 -1.97
C PRO A 265 -39.95 -21.12 -2.03
N ASP A 266 -38.79 -21.75 -2.15
CA ASP A 266 -38.67 -23.21 -2.11
C ASP A 266 -39.01 -23.74 -0.72
N ASN A 267 -38.75 -22.93 0.29
CA ASN A 267 -39.06 -23.26 1.68
C ASN A 267 -39.65 -22.02 2.36
N PRO A 268 -41.00 -22.01 2.54
CA PRO A 268 -41.69 -20.86 3.14
C PRO A 268 -41.30 -20.55 4.59
N GLU A 269 -40.81 -21.53 5.35
CA GLU A 269 -40.32 -21.29 6.71
C GLU A 269 -38.98 -20.54 6.73
N GLU A 270 -38.31 -20.50 5.59
CA GLU A 270 -37.06 -19.75 5.45
C GLU A 270 -37.19 -18.65 4.41
N ASP A 271 -38.36 -18.01 4.37
CA ASP A 271 -38.66 -16.95 3.41
C ASP A 271 -37.80 -15.70 3.64
N VAL A 272 -37.97 -14.68 2.81
CA VAL A 272 -37.14 -13.48 2.90
C VAL A 272 -37.38 -12.75 4.21
N GLY A 273 -36.31 -12.57 4.99
CA GLY A 273 -36.38 -11.85 6.25
C GLY A 273 -36.51 -12.75 7.46
N ILE A 274 -36.80 -14.03 7.22
CA ILE A 274 -37.03 -14.98 8.32
C ILE A 274 -36.23 -16.28 8.18
N GLY A 275 -35.25 -16.29 7.26
CA GLY A 275 -34.42 -17.45 7.01
C GLY A 275 -32.94 -17.15 7.03
N LEU A 276 -32.28 -17.43 5.91
CA LEU A 276 -30.82 -17.36 5.82
C LEU A 276 -30.28 -15.96 5.54
N ARG A 277 -29.04 -15.74 5.96
CA ARG A 277 -28.30 -14.53 5.66
C ARG A 277 -27.10 -14.88 4.80
N TYR A 278 -26.65 -13.91 3.99
CA TYR A 278 -25.36 -14.00 3.33
C TYR A 278 -24.27 -14.14 4.39
N ASP A 279 -24.38 -13.29 5.42
CA ASP A 279 -23.34 -13.16 6.43
C ASP A 279 -24.02 -12.92 7.77
N TRP A 280 -23.51 -13.59 8.81
CA TRP A 280 -24.12 -13.56 10.14
C TRP A 280 -23.51 -12.51 11.07
N GLY A 281 -22.57 -11.72 10.53
CA GLY A 281 -21.97 -10.62 11.28
C GLY A 281 -22.47 -9.26 10.80
N LYS A 282 -21.56 -8.28 10.77
CA LYS A 282 -21.89 -6.94 10.32
C LYS A 282 -21.73 -6.79 8.81
N TYR A 283 -22.85 -6.81 8.09
CA TYR A 283 -22.88 -6.97 6.63
C TYR A 283 -24.18 -6.42 6.14
N TYR A 284 -24.15 -5.33 5.36
CA TYR A 284 -25.40 -4.65 5.00
C TYR A 284 -25.50 -4.05 3.60
N ALA A 285 -26.74 -3.91 3.12
CA ALA A 285 -27.06 -3.30 1.82
C ALA A 285 -26.27 -3.90 0.67
N SER A 286 -26.18 -5.23 0.65
CA SER A 286 -25.44 -5.95 -0.35
C SER A 286 -26.10 -5.85 -1.72
N LYS A 287 -25.28 -5.62 -2.73
CA LYS A 287 -25.70 -5.61 -4.13
C LYS A 287 -24.84 -6.58 -4.93
N THR A 288 -25.46 -7.30 -5.86
CA THR A 288 -24.72 -8.13 -6.79
C THR A 288 -24.70 -7.48 -8.17
N PHE A 289 -23.80 -7.97 -9.02
CA PHE A 289 -23.78 -7.62 -10.44
C PHE A 289 -23.19 -8.80 -11.22
N TYR A 290 -23.45 -8.84 -12.52
CA TYR A 290 -22.89 -9.91 -13.36
C TYR A 290 -21.55 -9.50 -13.95
N ASP A 291 -20.53 -10.32 -13.68
CA ASP A 291 -19.20 -10.11 -14.22
C ASP A 291 -19.04 -10.96 -15.48
N PRO A 292 -19.11 -10.32 -16.67
CA PRO A 292 -19.06 -11.07 -17.95
C PRO A 292 -17.67 -11.59 -18.32
N LYS A 293 -16.61 -11.01 -17.76
CA LYS A 293 -15.26 -11.46 -18.10
C LYS A 293 -14.98 -12.88 -17.57
N LYS A 294 -15.26 -13.11 -16.28
CA LYS A 294 -15.09 -14.43 -15.67
C LYS A 294 -16.40 -15.18 -15.44
N GLN A 295 -17.49 -14.62 -15.98
CA GLN A 295 -18.84 -15.19 -15.83
C GLN A 295 -19.18 -15.52 -14.37
N ARG A 296 -19.23 -14.47 -13.57
CA ARG A 296 -19.46 -14.57 -12.14
C ARG A 296 -20.57 -13.63 -11.72
N ARG A 297 -21.25 -13.96 -10.63
CA ARG A 297 -22.07 -12.99 -9.95
C ARG A 297 -21.30 -12.60 -8.70
N VAL A 298 -20.99 -11.31 -8.60
CA VAL A 298 -20.18 -10.81 -7.49
C VAL A 298 -21.06 -9.99 -6.56
N VAL A 299 -20.88 -10.19 -5.25
CA VAL A 299 -21.65 -9.46 -4.25
C VAL A 299 -20.80 -8.45 -3.46
N TRP A 300 -21.32 -7.23 -3.36
CA TRP A 300 -20.69 -6.13 -2.65
C TRP A 300 -21.49 -5.88 -1.39
N ALA A 301 -20.84 -5.38 -0.34
CA ALA A 301 -21.52 -5.04 0.91
C ALA A 301 -20.55 -4.33 1.84
N TRP A 302 -21.07 -3.37 2.60
CA TRP A 302 -20.24 -2.61 3.52
C TRP A 302 -20.37 -3.08 4.97
N THR A 303 -19.29 -2.90 5.73
CA THR A 303 -19.28 -3.22 7.14
C THR A 303 -19.09 -1.93 7.95
N LYS A 304 -20.12 -1.57 8.71
CA LYS A 304 -20.10 -0.39 9.56
C LYS A 304 -19.06 -0.53 10.68
N GLU A 305 -18.61 0.61 11.20
CA GLU A 305 -17.75 0.64 12.36
C GLU A 305 -18.49 0.09 13.58
N LEU A 306 -17.77 -0.59 14.46
CA LEU A 306 -18.35 -1.08 15.70
C LEU A 306 -17.74 -0.43 16.95
N ASP A 307 -17.06 0.70 16.73
CA ASP A 307 -16.58 1.52 17.83
C ASP A 307 -17.46 2.76 18.00
N SER A 308 -17.10 3.62 18.95
CA SER A 308 -17.87 4.83 19.24
C SER A 308 -17.74 5.84 18.11
N GLU A 309 -18.68 6.78 18.06
CA GLU A 309 -18.67 7.85 17.06
C GLU A 309 -17.52 8.82 17.36
N VAL A 310 -17.12 8.88 18.65
CA VAL A 310 -16.07 9.77 19.13
C VAL A 310 -14.73 9.38 18.49
N ALA A 311 -14.44 8.09 18.48
CA ALA A 311 -13.24 7.55 17.85
C ALA A 311 -13.28 7.69 16.33
N ASP A 312 -14.47 7.57 15.75
CA ASP A 312 -14.65 7.77 14.32
C ASP A 312 -14.27 9.19 13.94
N ARG A 313 -14.78 10.16 14.69
CA ARG A 313 -14.47 11.57 14.46
C ARG A 313 -12.99 11.87 14.69
N GLU A 314 -12.42 11.25 15.71
CA GLU A 314 -11.02 11.44 16.08
C GLU A 314 -10.09 10.88 15.00
N LYS A 315 -10.48 9.77 14.36
CA LYS A 315 -9.65 9.14 13.32
C LYS A 315 -9.89 9.69 11.91
N GLY A 316 -11.09 10.20 11.66
CA GLY A 316 -11.37 10.92 10.43
C GLY A 316 -12.12 10.16 9.35
N TRP A 317 -12.41 8.89 9.61
CA TRP A 317 -13.06 8.02 8.62
C TRP A 317 -13.94 6.98 9.30
N ALA A 318 -14.78 6.30 8.50
CA ALA A 318 -15.71 5.30 9.02
C ALA A 318 -16.21 4.32 7.95
N ASN A 319 -16.22 3.04 8.31
CA ASN A 319 -16.75 1.93 7.50
C ASN A 319 -15.87 1.47 6.35
N VAL A 320 -15.86 0.15 6.14
CA VAL A 320 -15.15 -0.46 5.02
C VAL A 320 -16.07 -1.36 4.18
N GLN A 321 -15.64 -1.65 2.96
CA GLN A 321 -16.29 -2.69 2.15
C GLN A 321 -15.61 -4.01 2.45
N THR A 322 -16.39 -5.09 2.46
CA THR A 322 -15.80 -6.41 2.50
C THR A 322 -15.16 -6.67 1.14
N ILE A 323 -14.22 -7.61 1.10
CA ILE A 323 -13.72 -8.10 -0.18
C ILE A 323 -14.94 -8.65 -0.93
N PRO A 324 -15.08 -8.31 -2.23
CA PRO A 324 -16.20 -8.79 -3.02
C PRO A 324 -16.20 -10.31 -3.08
N ARG A 325 -17.38 -10.90 -3.05
CA ARG A 325 -17.53 -12.35 -3.01
C ARG A 325 -18.34 -12.85 -4.20
N THR A 326 -18.06 -14.07 -4.64
CA THR A 326 -18.87 -14.70 -5.67
C THR A 326 -20.12 -15.30 -5.04
N VAL A 327 -21.21 -15.35 -5.80
CA VAL A 327 -22.45 -15.97 -5.38
C VAL A 327 -22.78 -17.16 -6.26
N LEU A 328 -22.79 -18.34 -5.66
CA LEU A 328 -23.20 -19.55 -6.37
C LEU A 328 -24.18 -20.33 -5.51
N LEU A 329 -25.02 -21.14 -6.14
CA LEU A 329 -25.91 -22.03 -5.41
C LEU A 329 -25.11 -23.20 -4.85
N ASP A 330 -25.33 -23.52 -3.58
CA ASP A 330 -24.66 -24.67 -2.97
C ASP A 330 -25.30 -25.93 -3.54
N GLN A 331 -24.63 -26.53 -4.52
CA GLN A 331 -25.20 -27.66 -5.24
C GLN A 331 -25.11 -28.98 -4.47
N LYS A 332 -24.35 -28.98 -3.38
CA LYS A 332 -24.26 -30.14 -2.49
C LYS A 332 -25.47 -30.23 -1.57
N THR A 333 -25.91 -29.09 -1.04
CA THR A 333 -27.11 -29.04 -0.20
C THR A 333 -28.38 -28.69 -0.98
N GLY A 334 -28.25 -27.76 -1.92
CA GLY A 334 -29.39 -27.27 -2.70
C GLY A 334 -30.27 -26.26 -1.96
N THR A 335 -29.87 -25.89 -0.74
CA THR A 335 -30.71 -25.12 0.15
C THR A 335 -30.06 -23.85 0.71
N ASN A 336 -28.86 -23.53 0.21
CA ASN A 336 -28.16 -22.29 0.55
C ASN A 336 -27.29 -21.81 -0.60
N VAL A 337 -26.69 -20.63 -0.44
CA VAL A 337 -25.72 -20.14 -1.42
C VAL A 337 -24.30 -20.31 -0.89
N LEU A 338 -23.35 -20.41 -1.81
CA LEU A 338 -21.93 -20.37 -1.45
C LEU A 338 -21.39 -18.95 -1.69
N LEU A 339 -20.84 -18.34 -0.64
CA LEU A 339 -20.15 -17.07 -0.80
C LEU A 339 -18.64 -17.26 -0.58
N TRP A 340 -17.85 -16.75 -1.50
CA TRP A 340 -16.40 -16.94 -1.47
C TRP A 340 -15.72 -15.68 -1.99
N PRO A 341 -14.64 -15.21 -1.32
CA PRO A 341 -13.90 -14.04 -1.79
C PRO A 341 -13.43 -14.27 -3.21
N VAL A 342 -13.50 -13.22 -4.03
CA VAL A 342 -13.07 -13.31 -5.43
C VAL A 342 -11.65 -13.83 -5.53
N GLU A 343 -11.39 -14.66 -6.53
CA GLU A 343 -10.10 -15.31 -6.71
C GLU A 343 -8.90 -14.33 -6.79
N GLU A 344 -9.16 -13.09 -7.18
CA GLU A 344 -8.13 -12.07 -7.30
C GLU A 344 -7.55 -11.63 -5.96
N VAL A 345 -8.28 -11.90 -4.88
CA VAL A 345 -7.78 -11.66 -3.53
C VAL A 345 -6.50 -12.49 -3.29
N GLU A 346 -6.38 -13.62 -3.99
CA GLU A 346 -5.20 -14.47 -3.88
C GLU A 346 -3.94 -13.82 -4.43
N SER A 347 -4.11 -12.81 -5.31
CA SER A 347 -2.95 -12.12 -5.87
C SER A 347 -2.19 -11.32 -4.80
N LEU A 348 -2.84 -11.09 -3.66
CA LEU A 348 -2.24 -10.36 -2.55
C LEU A 348 -1.34 -11.24 -1.68
N ARG A 349 -1.48 -12.56 -1.82
CA ARG A 349 -0.70 -13.51 -1.02
C ARG A 349 0.78 -13.36 -1.30
N LEU A 350 1.55 -13.22 -0.22
CA LEU A 350 3.00 -13.07 -0.32
C LEU A 350 3.70 -14.40 -0.07
N SER A 351 3.87 -14.77 1.20
CA SER A 351 4.48 -16.07 1.55
C SER A 351 3.49 -16.91 2.34
N SER A 352 3.72 -18.22 2.39
CA SER A 352 2.88 -19.13 3.15
C SER A 352 3.68 -19.93 4.18
N LYS A 353 3.02 -20.26 5.29
CA LYS A 353 3.58 -21.17 6.28
C LYS A 353 2.54 -22.23 6.61
N GLU A 354 2.96 -23.49 6.59
CA GLU A 354 2.06 -24.60 6.84
C GLU A 354 2.24 -25.20 8.23
N PHE A 355 1.12 -25.56 8.83
CA PHE A 355 1.12 -26.31 10.08
C PHE A 355 0.35 -27.58 9.83
N SER A 356 1.09 -28.68 9.75
CA SER A 356 0.54 -29.97 9.35
C SER A 356 0.17 -30.81 10.57
N LYS A 357 -1.10 -31.21 10.63
CA LYS A 357 -1.62 -32.12 11.65
C LYS A 357 -1.20 -31.74 13.08
N VAL A 358 -1.56 -30.51 13.48
CA VAL A 358 -1.31 -30.01 14.83
C VAL A 358 -2.33 -30.56 15.81
N LYS A 359 -1.84 -31.07 16.95
CA LYS A 359 -2.72 -31.64 17.97
C LYS A 359 -3.08 -30.62 19.03
N ALA A 360 -4.37 -30.55 19.36
CA ALA A 360 -4.85 -29.64 20.38
C ALA A 360 -5.81 -30.37 21.31
N GLY A 361 -5.33 -30.67 22.52
CA GLY A 361 -6.11 -31.38 23.52
C GLY A 361 -7.20 -30.53 24.14
N ALA A 362 -8.05 -31.15 24.94
CA ALA A 362 -9.14 -30.46 25.62
C ALA A 362 -8.60 -29.37 26.56
N GLY A 363 -9.02 -28.13 26.31
CA GLY A 363 -8.65 -26.98 27.12
C GLY A 363 -7.26 -26.44 26.83
N SER A 364 -6.82 -26.55 25.57
CA SER A 364 -5.47 -26.13 25.21
C SER A 364 -5.43 -24.95 24.26
N VAL A 365 -4.28 -24.27 24.26
CA VAL A 365 -4.00 -23.12 23.42
C VAL A 365 -2.63 -23.37 22.80
N VAL A 366 -2.62 -23.55 21.48
CA VAL A 366 -1.39 -23.79 20.72
C VAL A 366 -1.01 -22.53 19.94
N PRO A 367 0.18 -21.94 20.24
CA PRO A 367 0.65 -20.74 19.55
C PRO A 367 1.06 -21.00 18.09
N LEU A 368 0.65 -20.12 17.19
CA LEU A 368 0.98 -20.24 15.77
C LEU A 368 1.93 -19.15 15.29
N ASP A 369 3.24 -19.45 15.31
CA ASP A 369 4.26 -18.49 14.91
C ASP A 369 4.17 -18.25 13.41
N VAL A 370 3.70 -17.05 13.05
CA VAL A 370 3.55 -16.66 11.65
C VAL A 370 4.31 -15.36 11.36
N GLY A 371 4.90 -14.78 12.40
CA GLY A 371 5.49 -13.46 12.33
C GLY A 371 4.41 -12.44 12.69
N THR A 372 4.19 -11.48 11.80
CA THR A 372 3.13 -10.48 11.97
C THR A 372 1.78 -11.12 11.66
N ALA A 373 0.76 -10.77 12.44
CA ALA A 373 -0.56 -11.39 12.30
C ALA A 373 -1.71 -10.38 12.14
N THR A 374 -1.48 -9.33 11.35
CA THR A 374 -2.50 -8.31 11.14
C THR A 374 -3.04 -8.30 9.70
N GLN A 375 -2.31 -8.93 8.79
CA GLN A 375 -2.71 -9.05 7.39
C GLN A 375 -2.55 -10.50 6.92
N LEU A 376 -3.64 -11.27 7.02
CA LEU A 376 -3.58 -12.72 6.81
C LEU A 376 -4.71 -13.28 5.96
N ASP A 377 -4.39 -14.37 5.28
CA ASP A 377 -5.38 -15.27 4.69
C ASP A 377 -5.13 -16.65 5.30
N ILE A 378 -6.06 -17.14 6.10
CA ILE A 378 -5.88 -18.43 6.77
C ILE A 378 -6.87 -19.47 6.25
N ILE A 379 -6.35 -20.64 5.89
CA ILE A 379 -7.18 -21.79 5.55
C ILE A 379 -6.87 -22.92 6.53
N ALA A 380 -7.89 -23.34 7.27
CA ALA A 380 -7.72 -24.35 8.30
C ALA A 380 -8.75 -25.45 8.15
N GLU A 381 -8.30 -26.70 8.30
CA GLU A 381 -9.21 -27.83 8.40
C GLU A 381 -9.07 -28.45 9.79
N PHE A 382 -10.20 -28.92 10.34
CA PHE A 382 -10.25 -29.49 11.68
C PHE A 382 -10.93 -30.84 11.63
N GLU A 383 -10.38 -31.80 12.39
CA GLU A 383 -11.03 -33.09 12.63
C GLU A 383 -11.14 -33.32 14.13
N ILE A 384 -12.17 -34.08 14.52
CA ILE A 384 -12.27 -34.56 15.91
C ILE A 384 -11.67 -35.98 16.00
N ASP A 385 -10.73 -36.17 16.91
CA ASP A 385 -10.01 -37.44 17.08
C ASP A 385 -10.88 -38.59 17.60
N LYS A 386 -10.33 -39.81 17.52
CA LYS A 386 -10.92 -41.04 18.08
C LYS A 386 -12.21 -41.48 17.38
N GLY A 398 -31.34 -25.18 23.98
CA GLY A 398 -30.49 -25.34 22.81
C GLY A 398 -29.39 -24.30 22.74
N TYR A 399 -28.24 -24.68 22.18
CA TYR A 399 -27.12 -23.79 21.94
C TYR A 399 -27.49 -22.75 20.88
N ASN A 400 -26.85 -21.60 20.99
CA ASN A 400 -27.10 -20.43 20.14
C ASN A 400 -25.92 -19.49 20.36
N CYS A 401 -25.15 -19.21 19.30
CA CYS A 401 -23.96 -18.35 19.45
C CYS A 401 -24.30 -17.04 20.16
N THR A 402 -25.37 -16.38 19.72
CA THR A 402 -25.79 -15.08 20.25
C THR A 402 -25.96 -15.07 21.77
N THR A 403 -26.61 -16.09 22.31
CA THR A 403 -26.90 -16.16 23.74
C THR A 403 -25.87 -16.97 24.53
N SER A 404 -24.84 -17.45 23.84
CA SER A 404 -23.77 -18.23 24.48
C SER A 404 -22.73 -17.33 25.15
N GLY A 405 -21.79 -17.96 25.86
CA GLY A 405 -20.68 -17.25 26.46
C GLY A 405 -19.45 -17.29 25.57
N GLY A 406 -19.65 -17.64 24.31
CA GLY A 406 -18.57 -17.66 23.32
C GLY A 406 -17.55 -18.75 23.57
N ALA A 407 -16.28 -18.41 23.45
CA ALA A 407 -15.20 -19.38 23.63
C ALA A 407 -15.04 -19.84 25.08
N ALA A 408 -15.70 -19.14 26.00
CA ALA A 408 -15.65 -19.47 27.43
C ALA A 408 -16.67 -20.52 27.82
N GLU A 409 -17.70 -20.67 26.99
CA GLU A 409 -18.73 -21.68 27.22
C GLU A 409 -18.26 -23.04 26.73
N ARG A 410 -17.64 -23.79 27.64
CA ARG A 410 -17.12 -25.11 27.33
C ARG A 410 -18.26 -26.14 27.24
N GLY A 411 -18.24 -26.90 26.16
CA GLY A 411 -19.15 -28.03 25.96
C GLY A 411 -18.35 -29.29 25.70
N VAL A 412 -19.05 -30.41 25.49
CA VAL A 412 -18.38 -31.70 25.30
C VAL A 412 -17.57 -31.70 24.00
N LEU A 413 -18.15 -31.13 22.95
CA LEU A 413 -17.54 -31.13 21.62
C LEU A 413 -17.32 -29.72 21.06
N GLY A 414 -16.86 -28.83 21.93
CA GLY A 414 -16.61 -27.43 21.55
C GLY A 414 -16.53 -26.47 22.73
N PRO A 415 -16.11 -25.23 22.48
CA PRO A 415 -15.71 -24.68 21.19
C PRO A 415 -14.23 -24.95 20.86
N PHE A 416 -13.91 -24.89 19.58
CA PHE A 416 -12.53 -25.03 19.11
C PHE A 416 -12.34 -24.28 17.80
N GLY A 417 -11.09 -23.87 17.53
CA GLY A 417 -10.75 -23.16 16.31
C GLY A 417 -9.57 -22.23 16.51
N LEU A 418 -9.72 -20.98 16.06
CA LEU A 418 -8.63 -20.02 16.03
C LEU A 418 -8.86 -18.80 16.90
N LEU A 419 -7.78 -18.25 17.42
CA LEU A 419 -7.83 -16.95 18.08
C LEU A 419 -7.01 -15.98 17.23
N VAL A 420 -7.68 -15.01 16.63
CA VAL A 420 -7.01 -13.94 15.89
C VAL A 420 -7.03 -12.66 16.71
N SER A 421 -6.26 -11.66 16.27
CA SER A 421 -6.14 -10.39 16.99
C SER A 421 -5.91 -10.60 18.49
N ALA A 422 -4.93 -11.44 18.80
CA ALA A 422 -4.67 -11.83 20.18
C ALA A 422 -3.29 -11.39 20.65
N THR A 423 -3.21 -11.02 21.92
CA THR A 423 -1.95 -10.68 22.57
C THR A 423 -1.25 -11.96 23.00
N GLU A 424 0.04 -11.83 23.35
CA GLU A 424 0.86 -12.96 23.79
C GLU A 424 0.23 -13.74 24.97
N ASN A 425 -0.37 -13.01 25.90
CA ASN A 425 -0.95 -13.58 27.12
C ASN A 425 -2.48 -13.65 27.14
N LEU A 426 -3.09 -13.52 25.97
CA LEU A 426 -4.55 -13.60 25.78
C LEU A 426 -5.35 -12.51 26.51
N SER A 427 -4.74 -11.37 26.79
CA SER A 427 -5.44 -10.25 27.41
C SER A 427 -6.51 -9.70 26.47
N GLU A 428 -6.24 -9.79 25.17
CA GLU A 428 -7.23 -9.51 24.12
C GLU A 428 -7.25 -10.69 23.15
N GLN A 429 -8.45 -11.07 22.68
CA GLN A 429 -8.60 -12.20 21.77
C GLN A 429 -9.92 -12.21 20.98
N THR A 430 -9.85 -12.64 19.73
CA THR A 430 -11.03 -12.80 18.88
C THR A 430 -11.09 -14.22 18.37
N PRO A 431 -11.84 -15.09 19.07
CA PRO A 431 -12.03 -16.47 18.61
C PRO A 431 -12.95 -16.56 17.40
N VAL A 432 -12.53 -17.35 16.41
CA VAL A 432 -13.43 -17.84 15.38
C VAL A 432 -13.44 -19.36 15.61
N TYR A 433 -14.63 -19.94 15.77
CA TYR A 433 -14.73 -21.31 16.27
C TYR A 433 -15.91 -22.14 15.77
N PHE A 434 -15.75 -23.47 15.85
CA PHE A 434 -16.84 -24.41 15.65
C PHE A 434 -17.30 -24.90 17.01
N TYR A 435 -18.59 -25.19 17.14
CA TYR A 435 -19.14 -25.81 18.34
C TYR A 435 -20.14 -26.86 17.91
N ILE A 436 -19.86 -28.12 18.21
CA ILE A 436 -20.78 -29.21 17.84
C ILE A 436 -21.71 -29.54 19.01
N ALA A 437 -23.01 -29.44 18.75
CA ALA A 437 -24.03 -29.64 19.78
C ALA A 437 -24.98 -30.82 19.50
N LYS A 438 -25.33 -31.55 20.57
CA LYS A 438 -26.21 -32.73 20.53
C LYS A 438 -27.63 -32.42 20.03
N ASN A 443 -28.97 -36.74 15.82
CA ASN A 443 -28.76 -35.46 15.16
C ASN A 443 -27.66 -34.60 15.78
N PHE A 444 -26.84 -33.99 14.93
CA PHE A 444 -25.78 -33.10 15.37
C PHE A 444 -25.78 -31.77 14.62
N LYS A 445 -25.90 -30.68 15.37
CA LYS A 445 -25.85 -29.34 14.80
C LYS A 445 -24.45 -28.77 14.96
N THR A 446 -23.85 -28.32 13.86
CA THR A 446 -22.55 -27.67 13.91
C THR A 446 -22.74 -26.15 13.91
N PHE A 447 -22.20 -25.49 14.93
CA PHE A 447 -22.26 -24.03 15.03
C PHE A 447 -20.94 -23.40 14.63
N PHE A 448 -21.03 -22.26 13.96
CA PHE A 448 -19.85 -21.50 13.56
C PHE A 448 -20.03 -20.08 14.08
N CYS A 449 -19.17 -19.66 15.00
CA CYS A 449 -19.32 -18.36 15.65
C CYS A 449 -18.03 -17.53 15.73
N LEU A 450 -18.21 -16.23 15.89
CA LEU A 450 -17.13 -15.28 16.14
C LEU A 450 -17.41 -14.56 17.47
N ASP A 451 -16.40 -14.54 18.35
CA ASP A 451 -16.55 -14.01 19.71
C ASP A 451 -15.85 -12.66 19.89
N GLU A 452 -16.64 -11.58 19.91
CA GLU A 452 -16.10 -10.22 20.07
C GLU A 452 -15.91 -9.81 21.54
N SER A 453 -16.35 -10.66 22.46
CA SER A 453 -16.47 -10.30 23.88
C SER A 453 -15.18 -9.86 24.57
N ARG A 454 -14.05 -10.34 24.08
CA ARG A 454 -12.76 -9.99 24.67
C ARG A 454 -11.77 -9.45 23.64
N SER A 455 -12.29 -8.94 22.53
CA SER A 455 -11.50 -8.40 21.42
C SER A 455 -10.67 -7.20 21.81
N SER A 456 -11.18 -6.42 22.77
CA SER A 456 -10.58 -5.16 23.14
C SER A 456 -10.78 -4.86 24.62
N LYS A 457 -9.81 -4.18 25.21
CA LYS A 457 -9.92 -3.75 26.60
C LYS A 457 -10.83 -2.53 26.75
N ALA A 458 -11.05 -1.84 25.62
CA ALA A 458 -11.93 -0.67 25.57
C ALA A 458 -13.37 -1.10 25.66
N SER A 459 -14.10 -0.56 26.63
CA SER A 459 -15.47 -0.96 26.88
C SER A 459 -16.48 -0.45 25.83
N ASP A 460 -16.19 0.70 25.21
CA ASP A 460 -17.12 1.33 24.27
C ASP A 460 -17.05 0.79 22.82
N VAL A 461 -16.92 -0.53 22.68
CA VAL A 461 -17.00 -1.20 21.38
C VAL A 461 -17.93 -2.41 21.47
N SER A 462 -18.27 -2.99 20.33
CA SER A 462 -19.16 -4.16 20.28
C SER A 462 -18.51 -5.39 20.89
N LYS A 463 -19.19 -5.99 21.87
CA LYS A 463 -18.70 -7.17 22.57
C LYS A 463 -19.63 -8.36 22.35
N GLN A 464 -20.09 -8.54 21.12
CA GLN A 464 -21.10 -9.55 20.81
C GLN A 464 -20.52 -10.88 20.34
N VAL A 465 -21.33 -11.93 20.41
CA VAL A 465 -20.99 -13.23 19.84
C VAL A 465 -21.93 -13.47 18.66
N LYS A 466 -21.38 -13.52 17.46
CA LYS A 466 -22.18 -13.64 16.23
C LYS A 466 -22.00 -15.02 15.64
N GLY A 467 -23.02 -15.51 14.94
CA GLY A 467 -22.93 -16.79 14.25
C GLY A 467 -24.25 -17.53 14.02
N PHE A 468 -24.13 -18.75 13.51
CA PHE A 468 -25.29 -19.58 13.16
C PHE A 468 -24.85 -21.04 13.01
N THR A 469 -25.80 -21.93 12.70
CA THR A 469 -25.45 -23.29 12.31
C THR A 469 -24.85 -23.27 10.92
N VAL A 470 -24.03 -24.27 10.62
CA VAL A 470 -23.52 -24.48 9.27
C VAL A 470 -23.74 -25.95 8.92
N PRO A 471 -24.11 -26.24 7.66
CA PRO A 471 -24.22 -27.64 7.28
C PRO A 471 -22.86 -28.31 7.05
N VAL A 472 -22.62 -29.43 7.72
CA VAL A 472 -21.47 -30.29 7.42
C VAL A 472 -21.93 -31.66 6.92
N LEU A 473 -21.49 -32.03 5.73
CA LEU A 473 -21.95 -33.24 5.08
C LEU A 473 -20.96 -34.37 5.34
N ASP A 474 -21.40 -35.61 5.08
CA ASP A 474 -20.59 -36.79 5.38
C ASP A 474 -19.25 -36.70 4.65
N GLY A 475 -18.17 -36.99 5.39
CA GLY A 475 -16.83 -36.98 4.83
C GLY A 475 -16.12 -35.64 4.96
N GLU A 476 -16.89 -34.57 5.11
CA GLU A 476 -16.34 -33.22 5.18
C GLU A 476 -15.66 -32.95 6.51
N LYS A 477 -14.50 -32.32 6.45
CA LYS A 477 -13.83 -31.83 7.65
C LYS A 477 -14.45 -30.50 8.05
N PHE A 478 -14.08 -30.00 9.22
CA PHE A 478 -14.45 -28.64 9.60
C PHE A 478 -13.42 -27.69 9.00
N THR A 479 -13.85 -26.84 8.08
CA THR A 479 -12.95 -25.91 7.41
C THR A 479 -13.42 -24.48 7.59
N MET A 480 -12.47 -23.61 7.89
CA MET A 480 -12.73 -22.17 7.92
C MET A 480 -11.66 -21.42 7.15
N ARG A 481 -12.08 -20.39 6.44
CA ARG A 481 -11.16 -19.44 5.84
C ARG A 481 -11.33 -18.11 6.56
N LEU A 482 -10.20 -17.54 6.97
CA LEU A 482 -10.22 -16.24 7.62
C LEU A 482 -9.43 -15.24 6.80
N LEU A 483 -10.07 -14.12 6.51
CA LEU A 483 -9.37 -12.96 5.99
C LEU A 483 -9.19 -11.96 7.12
N VAL A 484 -7.96 -11.86 7.61
CA VAL A 484 -7.60 -10.89 8.65
C VAL A 484 -6.95 -9.68 8.00
N ASP A 485 -7.47 -8.50 8.30
CA ASP A 485 -6.97 -7.24 7.75
C ASP A 485 -7.22 -6.11 8.74
N HIS A 486 -6.32 -5.97 9.70
CA HIS A 486 -6.41 -4.91 10.70
C HIS A 486 -7.76 -4.93 11.45
N SER A 487 -8.55 -3.86 11.30
CA SER A 487 -9.79 -3.74 12.07
C SER A 487 -10.98 -4.53 11.49
N ILE A 488 -10.74 -5.36 10.48
CA ILE A 488 -11.79 -6.21 9.92
C ILE A 488 -11.37 -7.67 9.81
N VAL A 489 -12.25 -8.56 10.26
CA VAL A 489 -12.05 -10.00 10.12
C VAL A 489 -13.21 -10.57 9.29
N GLU A 490 -12.88 -11.32 8.24
CA GLU A 490 -13.88 -12.03 7.44
C GLU A 490 -13.69 -13.53 7.57
N SER A 491 -14.73 -14.25 7.98
CA SER A 491 -14.64 -15.70 8.18
C SER A 491 -15.62 -16.47 7.32
N PHE A 492 -15.19 -17.65 6.86
CA PHE A 492 -15.97 -18.45 5.92
C PHE A 492 -15.91 -19.91 6.33
N ALA A 493 -17.06 -20.50 6.63
CA ALA A 493 -17.12 -21.92 6.97
C ALA A 493 -17.59 -22.79 5.81
N GLN A 494 -17.01 -23.98 5.71
CA GLN A 494 -17.42 -25.01 4.76
C GLN A 494 -17.54 -24.49 3.34
N GLY A 495 -16.50 -23.78 2.88
CA GLY A 495 -16.48 -23.22 1.55
C GLY A 495 -17.41 -22.02 1.34
N GLY A 496 -17.88 -21.45 2.44
CA GLY A 496 -18.72 -20.25 2.39
C GLY A 496 -20.21 -20.47 2.54
N ARG A 497 -20.60 -21.65 3.04
CA ARG A 497 -22.00 -21.96 3.32
C ARG A 497 -22.54 -21.03 4.41
N SER A 498 -21.64 -20.55 5.24
CA SER A 498 -21.95 -19.60 6.29
C SER A 498 -20.76 -18.67 6.48
N CYS A 499 -21.03 -17.36 6.53
CA CYS A 499 -19.97 -16.35 6.67
C CYS A 499 -20.20 -15.41 7.88
N ILE A 500 -19.11 -14.96 8.49
CA ILE A 500 -19.18 -13.99 9.59
C ILE A 500 -18.14 -12.88 9.44
N THR A 501 -18.61 -11.67 9.18
CA THR A 501 -17.74 -10.50 9.08
C THR A 501 -17.92 -9.64 10.33
N SER A 502 -16.81 -9.24 10.92
CA SER A 502 -16.84 -8.41 12.12
C SER A 502 -15.70 -7.40 12.15
N ARG A 503 -15.82 -6.41 13.04
CA ARG A 503 -14.75 -5.43 13.23
C ARG A 503 -14.12 -5.61 14.61
N VAL A 504 -12.80 -5.46 14.69
CA VAL A 504 -12.07 -5.56 15.95
C VAL A 504 -11.26 -4.30 16.20
N TYR A 505 -11.19 -3.90 17.46
CA TYR A 505 -10.47 -2.69 17.81
C TYR A 505 -9.58 -2.92 19.03
N PRO A 506 -8.55 -3.78 18.87
CA PRO A 506 -7.70 -4.07 20.02
C PRO A 506 -6.89 -2.85 20.44
N THR A 507 -6.58 -2.79 21.73
CA THR A 507 -5.76 -1.73 22.30
C THR A 507 -4.31 -2.18 22.40
N GLU A 508 -4.11 -3.49 22.52
CA GLU A 508 -2.76 -4.04 22.71
C GLU A 508 -2.32 -4.93 21.56
N ALA A 509 -3.26 -5.72 21.03
CA ALA A 509 -3.02 -6.64 19.90
C ALA A 509 -2.92 -5.91 18.56
N ILE A 510 -1.99 -4.97 18.47
CA ILE A 510 -1.77 -4.16 17.27
C ILE A 510 -0.30 -4.21 16.90
N TYR A 511 -0.01 -4.10 15.60
CA TYR A 511 1.34 -4.19 15.06
C TYR A 511 2.02 -5.51 15.45
N GLY A 512 3.26 -5.42 15.93
CA GLY A 512 4.05 -6.61 16.28
C GLY A 512 3.46 -7.48 17.36
N ALA A 513 2.57 -6.91 18.17
CA ALA A 513 2.00 -7.62 19.32
C ALA A 513 0.80 -8.52 18.97
N ALA A 514 0.27 -8.38 17.76
CA ALA A 514 -0.85 -9.18 17.32
C ALA A 514 -0.37 -10.60 17.03
N LYS A 515 -0.98 -11.57 17.69
CA LYS A 515 -0.57 -12.97 17.58
C LYS A 515 -1.75 -13.82 17.09
N LEU A 516 -1.47 -15.10 16.87
CA LEU A 516 -2.45 -16.04 16.33
C LEU A 516 -2.33 -17.40 17.02
N PHE A 517 -3.46 -17.95 17.46
CA PHE A 517 -3.48 -19.20 18.21
C PHE A 517 -4.46 -20.20 17.62
N LEU A 518 -4.20 -21.48 17.89
CA LEU A 518 -5.16 -22.55 17.68
C LEU A 518 -5.62 -22.98 19.07
N PHE A 519 -6.93 -23.07 19.27
CA PHE A 519 -7.43 -23.45 20.60
C PHE A 519 -8.47 -24.55 20.53
N ASN A 520 -8.60 -25.27 21.65
CA ASN A 520 -9.66 -26.25 21.84
C ASN A 520 -10.15 -26.15 23.27
N ASN A 521 -11.36 -25.64 23.43
CA ASN A 521 -11.92 -25.45 24.77
C ASN A 521 -13.08 -26.43 25.05
N ALA A 522 -13.06 -27.56 24.35
CA ALA A 522 -14.02 -28.63 24.61
C ALA A 522 -13.58 -29.37 25.87
N THR A 523 -14.52 -30.03 26.52
CA THR A 523 -14.22 -30.73 27.77
C THR A 523 -13.88 -32.19 27.52
N GLY A 524 -14.37 -32.73 26.41
CA GLY A 524 -14.19 -34.16 26.12
C GLY A 524 -13.92 -34.47 24.66
N ALA A 525 -12.97 -33.76 24.07
CA ALA A 525 -12.55 -34.00 22.70
C ALA A 525 -11.22 -33.31 22.43
N SER A 526 -10.32 -34.03 21.78
CA SER A 526 -9.09 -33.44 21.29
C SER A 526 -9.21 -33.31 19.77
N ILE A 527 -8.72 -32.20 19.22
CA ILE A 527 -8.85 -31.97 17.79
C ILE A 527 -7.49 -31.98 17.09
N THR A 528 -7.52 -32.25 15.78
CA THR A 528 -6.33 -32.18 14.93
C THR A 528 -6.61 -31.24 13.77
N ALA A 529 -5.69 -30.31 13.55
CA ALA A 529 -5.88 -29.26 12.57
C ALA A 529 -4.72 -29.13 11.58
N SER A 530 -5.04 -28.71 10.36
CA SER A 530 -4.03 -28.37 9.37
C SER A 530 -4.29 -26.97 8.82
N LEU A 531 -3.26 -26.13 8.89
CA LEU A 531 -3.39 -24.73 8.51
C LEU A 531 -2.38 -24.32 7.48
N LYS A 532 -2.82 -23.48 6.55
CA LYS A 532 -1.92 -22.77 5.65
C LYS A 532 -2.21 -21.27 5.81
N ILE A 533 -1.18 -20.52 6.20
CA ILE A 533 -1.34 -19.09 6.51
C ILE A 533 -0.48 -18.24 5.58
N TRP A 534 -1.13 -17.35 4.85
CA TRP A 534 -0.45 -16.41 3.96
C TRP A 534 -0.38 -15.01 4.56
N GLU A 535 0.76 -14.37 4.37
CA GLU A 535 0.89 -12.95 4.65
C GLU A 535 0.32 -12.19 3.46
N MET A 536 -0.49 -11.18 3.74
CA MET A 536 -1.16 -10.45 2.67
C MET A 536 -0.57 -9.09 2.41
N ASN A 537 -0.39 -8.77 1.14
CA ASN A 537 0.13 -7.49 0.69
C ASN A 537 -0.94 -6.38 0.77
N SER A 538 -0.51 -5.14 0.65
CA SER A 538 -1.43 -4.02 0.49
C SER A 538 -2.08 -4.08 -0.90
N ALA A 539 -3.27 -3.49 -1.01
CA ALA A 539 -3.90 -3.34 -2.31
C ALA A 539 -3.42 -2.09 -3.02
N PHE A 540 -2.66 -1.25 -2.30
CA PHE A 540 -2.11 0.01 -2.81
C PHE A 540 -3.15 0.95 -3.41
N ILE A 541 -4.29 1.07 -2.72
CA ILE A 541 -5.39 1.93 -3.14
C ILE A 541 -4.97 3.40 -3.09
N GLN A 542 -5.19 4.08 -4.20
CA GLN A 542 -4.52 5.33 -4.49
C GLN A 542 -5.42 6.13 -5.44
N PRO A 543 -5.12 7.42 -5.65
CA PRO A 543 -5.85 8.11 -6.71
C PRO A 543 -5.42 7.64 -8.11
N PHE A 544 -6.37 7.62 -9.04
CA PHE A 544 -6.11 7.27 -10.44
C PHE A 544 -5.12 8.26 -11.04
N HIS A 545 -4.05 7.71 -11.62
CA HIS A 545 -2.91 8.46 -12.18
C HIS A 545 -3.10 9.96 -12.30
N PRO B 7 12.24 -0.67 -28.46
CA PRO B 7 10.99 -0.13 -27.92
C PRO B 7 9.97 -1.25 -27.61
N TYR B 8 9.67 -1.42 -26.33
CA TYR B 8 8.81 -2.52 -25.87
C TYR B 8 7.38 -2.07 -25.66
N PRO B 9 6.41 -2.89 -26.13
CA PRO B 9 4.99 -2.58 -25.95
C PRO B 9 4.54 -2.83 -24.52
N TRP B 10 4.97 -1.96 -23.61
CA TRP B 10 4.66 -2.09 -22.19
C TRP B 10 3.16 -2.18 -21.95
N SER B 11 2.76 -3.06 -21.06
CA SER B 11 1.36 -3.23 -20.70
C SER B 11 1.05 -2.52 -19.39
N ASN B 12 -0.22 -2.24 -19.17
CA ASN B 12 -0.68 -1.59 -17.94
C ASN B 12 -0.26 -2.37 -16.71
N ALA B 13 -0.34 -3.69 -16.78
CA ALA B 13 0.04 -4.56 -15.68
C ALA B 13 1.54 -4.49 -15.43
N GLN B 14 2.31 -4.49 -16.52
CA GLN B 14 3.75 -4.34 -16.43
C GLN B 14 4.14 -2.99 -15.82
N LEU B 15 3.44 -1.92 -16.25
CA LEU B 15 3.76 -0.56 -15.82
C LEU B 15 3.34 -0.27 -14.38
N SER B 16 2.16 -0.74 -13.98
CA SER B 16 1.69 -0.50 -12.62
C SER B 16 2.51 -1.29 -11.57
N TRP B 17 3.07 -2.42 -11.99
CA TRP B 17 3.92 -3.24 -11.11
C TRP B 17 5.16 -2.48 -10.66
N GLN B 18 5.56 -1.48 -11.43
CA GLN B 18 6.83 -0.78 -11.19
C GLN B 18 6.85 0.12 -9.96
N ARG B 19 5.67 0.59 -9.54
CA ARG B 19 5.55 1.34 -8.28
C ARG B 19 6.06 0.54 -7.10
N THR B 20 6.78 1.22 -6.23
CA THR B 20 7.38 0.61 -5.06
C THR B 20 6.36 0.53 -3.93
N ALA B 21 6.53 -0.46 -3.06
CA ALA B 21 5.67 -0.66 -1.91
C ALA B 21 6.12 0.16 -0.70
N PHE B 22 7.43 0.28 -0.52
CA PHE B 22 7.98 0.91 0.68
C PHE B 22 9.08 1.94 0.46
N HIS B 23 9.29 2.37 -0.77
CA HIS B 23 10.16 3.49 -1.04
C HIS B 23 9.33 4.74 -1.22
N PHE B 24 9.87 5.88 -0.77
CA PHE B 24 9.17 7.13 -0.97
C PHE B 24 9.14 7.57 -2.43
N GLN B 25 7.94 7.93 -2.89
CA GLN B 25 7.70 8.56 -4.18
C GLN B 25 6.32 9.22 -4.13
N PRO B 26 6.11 10.30 -4.91
CA PRO B 26 4.81 10.95 -4.84
C PRO B 26 3.71 10.19 -5.60
N GLU B 27 2.47 10.68 -5.51
CA GLU B 27 1.35 10.08 -6.21
C GLU B 27 1.58 9.99 -7.72
N ARG B 28 2.11 11.07 -8.30
CA ARG B 28 2.37 11.10 -9.74
C ARG B 28 3.65 11.88 -10.04
N SER B 29 4.05 11.85 -11.32
CA SER B 29 5.02 12.79 -11.86
C SER B 29 6.46 12.59 -11.40
N TRP B 30 7.31 13.57 -11.70
CA TRP B 30 8.75 13.51 -11.51
C TRP B 30 9.16 13.96 -10.12
N MET B 31 10.11 13.24 -9.53
CA MET B 31 10.78 13.65 -8.29
C MET B 31 12.29 13.45 -8.47
N SER B 32 13.10 14.37 -7.96
CA SER B 32 14.56 14.19 -7.97
C SER B 32 15.23 14.59 -6.64
N ASP B 33 16.24 15.45 -6.72
CA ASP B 33 17.08 15.86 -5.59
C ASP B 33 16.35 16.02 -4.25
N PRO B 34 16.86 15.36 -3.19
CA PRO B 34 16.43 15.64 -1.82
C PRO B 34 16.71 17.10 -1.47
N ASP B 35 15.79 17.73 -0.77
CA ASP B 35 15.92 19.12 -0.39
C ASP B 35 15.68 19.32 1.10
N GLY B 36 16.50 20.16 1.71
CA GLY B 36 16.43 20.52 3.13
C GLY B 36 15.86 19.53 4.14
N PRO B 37 16.46 18.32 4.24
CA PRO B 37 15.99 17.36 5.25
C PRO B 37 16.35 17.78 6.67
N ILE B 38 15.36 17.73 7.56
CA ILE B 38 15.56 18.05 8.98
C ILE B 38 14.64 17.23 9.85
N PHE B 39 15.02 17.10 11.13
CA PHE B 39 14.12 16.58 12.16
C PHE B 39 13.64 17.76 12.99
N TYR B 40 12.33 17.89 13.13
CA TYR B 40 11.75 19.03 13.83
C TYR B 40 10.51 18.61 14.58
N LYS B 41 10.49 18.92 15.89
CA LYS B 41 9.32 18.69 16.76
C LYS B 41 8.64 17.32 16.60
N GLY B 42 9.45 16.27 16.54
CA GLY B 42 8.94 14.89 16.52
C GLY B 42 8.69 14.30 15.15
N TRP B 43 8.88 15.11 14.11
CA TRP B 43 8.69 14.70 12.73
C TRP B 43 9.97 14.76 11.92
N TYR B 44 10.16 13.77 11.05
CA TYR B 44 11.20 13.87 10.03
C TYR B 44 10.61 14.58 8.82
N HIS B 45 11.29 15.65 8.40
CA HIS B 45 10.86 16.41 7.25
C HIS B 45 11.72 16.11 6.04
N PHE B 46 11.05 15.90 4.92
CA PHE B 46 11.73 15.64 3.67
C PHE B 46 11.13 16.52 2.59
N PHE B 47 11.99 17.24 1.87
CA PHE B 47 11.58 18.02 0.71
C PHE B 47 12.28 17.43 -0.52
N TYR B 48 11.72 17.67 -1.70
CA TYR B 48 12.28 17.11 -2.93
C TYR B 48 11.92 17.92 -4.16
N GLN B 49 12.82 17.90 -5.14
CA GLN B 49 12.56 18.50 -6.45
C GLN B 49 11.35 17.82 -7.07
N TYR B 50 10.37 18.60 -7.51
CA TYR B 50 9.11 18.05 -7.99
C TYR B 50 8.58 18.84 -9.17
N ASN B 51 8.27 18.13 -10.26
CA ASN B 51 7.64 18.72 -11.45
C ASN B 51 6.14 18.38 -11.42
N PRO B 52 5.27 19.38 -11.16
CA PRO B 52 3.86 19.05 -11.01
C PRO B 52 3.22 18.61 -12.33
N ASP B 53 3.77 19.11 -13.44
CA ASP B 53 3.16 18.97 -14.76
C ASP B 53 3.43 17.61 -15.46
N ASN B 54 4.70 17.20 -15.53
CA ASN B 54 5.12 16.01 -16.28
C ASN B 54 6.17 15.17 -15.57
N PRO B 55 6.21 13.84 -15.86
CA PRO B 55 7.23 12.94 -15.32
C PRO B 55 8.62 13.10 -15.97
N VAL B 56 9.01 14.33 -16.25
CA VAL B 56 10.37 14.65 -16.69
C VAL B 56 10.91 15.79 -15.83
N TRP B 57 12.23 15.99 -15.86
CA TRP B 57 12.84 17.13 -15.17
C TRP B 57 12.28 18.45 -15.71
N GLY B 58 12.01 19.39 -14.80
CA GLY B 58 11.56 20.72 -15.18
C GLY B 58 10.57 21.32 -14.20
N ASN B 59 10.17 22.57 -14.47
CA ASN B 59 9.16 23.29 -13.67
C ASN B 59 9.31 23.12 -12.17
N ASN B 60 10.55 23.19 -11.69
CA ASN B 60 10.91 22.72 -10.36
C ASN B 60 10.22 23.42 -9.19
N THR B 61 9.63 22.62 -8.33
CA THR B 61 9.02 23.07 -7.08
C THR B 61 9.51 22.15 -5.97
N TRP B 62 9.19 22.48 -4.71
CA TRP B 62 9.56 21.63 -3.57
C TRP B 62 8.35 20.89 -3.00
N GLY B 63 8.30 19.58 -3.21
CA GLY B 63 7.33 18.74 -2.53
C GLY B 63 7.73 18.61 -1.07
N HIS B 64 6.80 18.17 -0.24
CA HIS B 64 7.04 18.07 1.19
C HIS B 64 6.35 16.82 1.75
N THR B 65 7.08 16.07 2.57
CA THR B 65 6.53 14.90 3.23
C THR B 65 7.08 14.73 4.66
N VAL B 66 6.33 14.04 5.50
CA VAL B 66 6.72 13.85 6.90
C VAL B 66 6.52 12.43 7.38
N SER B 67 7.34 12.01 8.34
CA SER B 67 7.22 10.70 8.96
C SER B 67 7.77 10.72 10.37
N ARG B 68 7.32 9.76 11.17
CA ARG B 68 7.78 9.57 12.55
C ARG B 68 9.04 8.72 12.60
N ASP B 69 9.34 8.03 11.50
CA ASP B 69 10.32 6.96 11.52
C ASP B 69 11.18 6.86 10.26
N LEU B 70 11.08 7.85 9.39
CA LEU B 70 11.81 7.85 8.11
C LEU B 70 11.35 6.78 7.11
N ILE B 71 10.25 6.09 7.43
CA ILE B 71 9.71 5.04 6.57
C ILE B 71 8.25 5.33 6.22
N HIS B 72 7.42 5.61 7.23
CA HIS B 72 6.00 5.84 7.01
C HIS B 72 5.67 7.28 6.67
N TRP B 73 5.86 7.62 5.40
CA TRP B 73 5.69 8.98 4.90
C TRP B 73 4.25 9.39 4.65
N LEU B 74 3.97 10.66 4.89
CA LEU B 74 2.66 11.24 4.65
C LEU B 74 2.79 12.47 3.76
N TYR B 75 2.00 12.54 2.69
CA TYR B 75 2.07 13.68 1.78
C TYR B 75 1.52 14.95 2.41
N LEU B 76 2.26 16.04 2.26
CA LEU B 76 1.81 17.37 2.65
C LEU B 76 1.74 18.27 1.42
N PRO B 77 1.02 19.41 1.51
CA PRO B 77 0.99 20.36 0.40
C PRO B 77 2.39 20.79 -0.04
N LEU B 78 2.49 21.26 -1.28
CA LEU B 78 3.72 21.84 -1.82
C LEU B 78 4.34 22.87 -0.87
N ALA B 79 5.65 22.80 -0.70
CA ALA B 79 6.37 23.74 0.16
C ALA B 79 6.68 25.05 -0.58
N LEU B 80 7.39 24.94 -1.70
CA LEU B 80 7.83 26.10 -2.45
C LEU B 80 7.46 25.96 -3.91
N ALA B 81 6.76 26.96 -4.43
CA ALA B 81 6.35 27.00 -5.83
C ALA B 81 7.22 27.97 -6.61
N ALA B 82 7.18 27.85 -7.94
CA ALA B 82 7.92 28.75 -8.82
C ALA B 82 7.04 29.96 -9.14
N ASP B 83 6.93 30.87 -8.18
CA ASP B 83 5.96 31.98 -8.28
C ASP B 83 6.54 33.39 -8.07
N GLN B 84 7.86 33.50 -7.98
CA GLN B 84 8.51 34.81 -7.87
C GLN B 84 9.43 35.02 -9.08
N TRP B 85 9.59 36.27 -9.51
CA TRP B 85 10.40 36.55 -10.71
C TRP B 85 11.77 35.86 -10.63
N TYR B 86 12.31 35.75 -9.42
CA TYR B 86 13.64 35.25 -9.19
C TYR B 86 13.72 33.73 -9.09
N ASP B 87 12.57 33.07 -9.07
CA ASP B 87 12.53 31.61 -9.10
C ASP B 87 11.45 31.07 -10.05
N MET B 88 10.99 31.92 -10.97
CA MET B 88 9.95 31.57 -11.93
C MET B 88 10.30 30.37 -12.81
N GLN B 89 11.59 30.21 -13.12
CA GLN B 89 12.07 29.07 -13.94
C GLN B 89 12.32 27.80 -13.16
N GLY B 90 12.19 27.87 -11.83
CA GLY B 90 12.31 26.68 -11.00
C GLY B 90 12.90 26.96 -9.65
N VAL B 91 12.38 26.27 -8.64
CA VAL B 91 12.92 26.31 -7.29
C VAL B 91 13.88 25.13 -7.16
N PHE B 92 15.17 25.41 -7.32
CA PHE B 92 16.18 24.36 -7.32
C PHE B 92 16.55 23.92 -5.91
N SER B 93 17.50 22.99 -5.84
CA SER B 93 17.86 22.32 -4.60
C SER B 93 18.46 23.24 -3.53
N GLY B 94 18.27 22.86 -2.27
CA GLY B 94 18.77 23.62 -1.12
C GLY B 94 18.86 22.82 0.18
N SER B 95 19.37 23.45 1.23
CA SER B 95 19.56 22.78 2.52
C SER B 95 19.05 23.64 3.66
N ALA B 96 18.80 23.02 4.80
CA ALA B 96 18.29 23.74 5.96
C ALA B 96 19.34 23.88 7.05
N THR B 97 19.32 25.02 7.74
CA THR B 97 20.15 25.22 8.90
C THR B 97 19.24 25.55 10.08
N CYS B 98 19.39 24.81 11.17
CA CYS B 98 18.62 25.09 12.38
C CYS B 98 19.45 25.95 13.32
N LEU B 99 18.93 27.13 13.66
CA LEU B 99 19.62 28.04 14.56
C LEU B 99 19.32 27.70 16.03
N PRO B 100 20.25 28.04 16.95
CA PRO B 100 20.07 27.75 18.38
C PRO B 100 18.88 28.46 19.02
N ASP B 101 18.45 29.59 18.43
CA ASP B 101 17.29 30.34 18.95
C ASP B 101 15.93 29.71 18.60
N GLY B 102 15.94 28.68 17.77
CA GLY B 102 14.74 27.90 17.45
C GLY B 102 14.27 28.03 16.01
N ARG B 103 14.94 28.91 15.27
CA ARG B 103 14.56 29.23 13.91
C ARG B 103 15.10 28.25 12.89
N ILE B 104 14.42 28.17 11.76
CA ILE B 104 14.82 27.33 10.63
C ILE B 104 15.04 28.22 9.42
N MET B 105 16.24 28.16 8.87
CA MET B 105 16.58 28.92 7.68
C MET B 105 16.77 27.95 6.53
N MET B 106 15.97 28.11 5.49
CA MET B 106 16.06 27.25 4.32
C MET B 106 16.65 28.06 3.18
N LEU B 107 17.86 27.70 2.78
CA LEU B 107 18.51 28.32 1.62
C LEU B 107 18.29 27.48 0.39
N TYR B 108 17.80 28.10 -0.68
CA TYR B 108 17.61 27.42 -1.96
C TYR B 108 18.11 28.27 -3.13
N THR B 109 18.17 27.66 -4.31
CA THR B 109 18.56 28.35 -5.53
C THR B 109 17.31 28.63 -6.36
N GLY B 110 17.14 29.88 -6.75
CA GLY B 110 16.04 30.27 -7.61
C GLY B 110 16.54 30.62 -9.00
N VAL B 111 15.88 30.11 -10.01
CA VAL B 111 16.27 30.38 -11.38
C VAL B 111 15.32 31.37 -12.04
N THR B 112 15.88 32.42 -12.64
CA THR B 112 15.10 33.42 -13.35
C THR B 112 14.82 32.96 -14.77
N LYS B 113 13.94 33.69 -15.45
CA LYS B 113 13.53 33.37 -16.82
C LYS B 113 14.72 33.37 -17.81
N GLU B 114 15.76 34.12 -17.47
CA GLU B 114 16.97 34.19 -18.29
C GLU B 114 18.01 33.15 -17.89
N MET B 115 17.57 32.15 -17.13
CA MET B 115 18.39 31.02 -16.66
C MET B 115 19.43 31.38 -15.57
N VAL B 116 19.33 32.58 -15.01
CA VAL B 116 20.25 33.04 -13.98
C VAL B 116 19.91 32.39 -12.64
N GLU B 117 20.94 31.80 -12.01
CA GLU B 117 20.79 31.11 -10.73
C GLU B 117 21.29 31.97 -9.57
N MET B 118 20.42 32.16 -8.58
CA MET B 118 20.70 33.02 -7.44
C MET B 118 20.20 32.43 -6.13
N LEU B 119 20.99 32.60 -5.06
CA LEU B 119 20.60 32.12 -3.74
C LEU B 119 19.44 32.91 -3.14
N SER B 120 18.47 32.18 -2.58
CA SER B 120 17.35 32.80 -1.90
C SER B 120 17.09 32.18 -0.53
N LEU B 121 16.37 32.91 0.32
CA LEU B 121 16.04 32.44 1.65
C LEU B 121 14.55 32.19 1.78
N ALA B 122 14.20 31.07 2.42
CA ALA B 122 12.82 30.81 2.82
C ALA B 122 12.79 30.31 4.26
N TYR B 123 11.66 30.52 4.94
CA TYR B 123 11.51 30.08 6.32
C TYR B 123 10.04 29.79 6.62
N PRO B 124 9.78 28.97 7.67
CA PRO B 124 8.41 28.61 8.01
C PRO B 124 7.56 29.83 8.34
N ALA B 125 6.28 29.75 8.04
CA ALA B 125 5.33 30.81 8.36
C ALA B 125 4.94 30.70 9.83
N ASP B 126 5.16 29.53 10.40
CA ASP B 126 4.70 29.21 11.74
C ASP B 126 5.56 28.11 12.34
N LEU B 127 6.52 28.49 13.18
CA LEU B 127 7.41 27.54 13.84
C LEU B 127 6.70 26.71 14.92
N SER B 128 5.45 27.03 15.24
CA SER B 128 4.66 26.24 16.19
C SER B 128 3.98 25.04 15.53
N ASP B 129 3.90 25.06 14.19
CA ASP B 129 3.37 23.96 13.41
C ASP B 129 4.47 22.91 13.18
N PRO B 130 4.34 21.72 13.82
CA PRO B 130 5.37 20.69 13.70
C PRO B 130 5.44 20.11 12.29
N LEU B 131 4.39 20.33 11.52
CA LEU B 131 4.31 19.83 10.14
C LEU B 131 4.91 20.83 9.16
N LEU B 132 5.21 22.02 9.66
CA LEU B 132 5.78 23.11 8.86
C LEU B 132 5.15 23.17 7.48
N VAL B 133 3.82 23.25 7.44
CA VAL B 133 3.08 23.21 6.17
C VAL B 133 3.33 24.44 5.31
N GLU B 134 3.19 25.63 5.90
CA GLU B 134 3.31 26.87 5.15
C GLU B 134 4.70 27.43 5.19
N TRP B 135 5.20 27.87 4.03
CA TRP B 135 6.52 28.46 3.90
C TRP B 135 6.49 29.87 3.30
N VAL B 136 7.36 30.73 3.80
CA VAL B 136 7.42 32.14 3.40
C VAL B 136 8.78 32.43 2.79
N LYS B 137 8.77 33.13 1.66
CA LYS B 137 10.00 33.51 0.99
C LYS B 137 10.44 34.89 1.48
N TYR B 138 11.69 35.00 1.90
CA TYR B 138 12.22 36.24 2.45
C TYR B 138 12.00 37.40 1.47
N PRO B 139 11.30 38.47 1.91
CA PRO B 139 10.93 39.60 1.04
C PRO B 139 12.10 40.22 0.30
N GLY B 140 13.31 40.08 0.84
CA GLY B 140 14.50 40.67 0.23
C GLY B 140 15.24 39.79 -0.77
N ASN B 141 14.62 38.68 -1.15
CA ASN B 141 15.16 37.77 -2.15
C ASN B 141 15.30 38.46 -3.51
N PRO B 142 16.29 38.02 -4.33
CA PRO B 142 17.34 37.04 -4.04
C PRO B 142 18.48 37.68 -3.23
N ILE B 143 19.19 36.86 -2.46
CA ILE B 143 20.14 37.38 -1.48
C ILE B 143 21.61 37.27 -1.89
N LEU B 144 21.90 36.52 -2.96
CA LEU B 144 23.28 36.32 -3.40
C LEU B 144 23.35 35.89 -4.87
N SER B 145 24.28 36.47 -5.61
CA SER B 145 24.50 36.11 -7.00
C SER B 145 25.96 35.74 -7.25
N ALA B 146 26.22 35.10 -8.38
CA ALA B 146 27.55 34.55 -8.67
C ALA B 146 28.67 35.59 -8.55
N PRO B 147 29.81 35.17 -7.98
CA PRO B 147 31.00 36.01 -7.94
C PRO B 147 31.67 36.08 -9.32
N PRO B 148 32.67 36.97 -9.52
CA PRO B 148 33.34 37.10 -10.81
C PRO B 148 33.90 35.81 -11.40
N GLY B 149 34.34 34.89 -10.56
CA GLY B 149 34.94 33.65 -11.04
C GLY B 149 33.95 32.64 -11.59
N VAL B 150 32.71 32.71 -11.10
CA VAL B 150 31.71 31.67 -11.35
C VAL B 150 30.63 32.14 -12.34
N SER B 151 30.20 31.24 -13.21
CA SER B 151 29.15 31.53 -14.19
C SER B 151 27.78 31.60 -13.48
N PRO B 152 27.01 32.68 -13.75
CA PRO B 152 25.75 32.94 -13.05
C PRO B 152 24.61 32.01 -13.48
N THR B 153 24.81 31.21 -14.51
CA THR B 153 23.83 30.20 -14.92
C THR B 153 24.15 28.84 -14.30
N GLU B 154 25.24 28.81 -13.53
CA GLU B 154 25.72 27.59 -12.89
C GLU B 154 26.17 27.90 -11.44
N PHE B 155 25.26 28.46 -10.66
CA PHE B 155 25.54 28.93 -9.30
C PHE B 155 24.47 28.40 -8.34
N ARG B 156 24.70 27.22 -7.76
CA ARG B 156 23.63 26.49 -7.08
C ARG B 156 24.07 25.64 -5.89
N ASP B 157 23.08 25.11 -5.17
CA ASP B 157 23.24 24.08 -4.13
C ASP B 157 24.01 24.53 -2.88
N ALA B 158 23.37 25.36 -2.07
CA ALA B 158 23.93 25.76 -0.79
C ALA B 158 23.75 24.66 0.25
N SER B 159 24.85 24.31 0.93
CA SER B 159 24.85 23.25 1.93
C SER B 159 24.22 23.70 3.24
N THR B 160 24.08 22.75 4.17
CA THR B 160 23.74 23.05 5.55
C THR B 160 24.95 23.75 6.14
N GLY B 161 24.72 24.76 6.98
CA GLY B 161 25.79 25.57 7.54
C GLY B 161 26.47 24.94 8.75
N TRP B 162 27.71 25.34 8.99
CA TRP B 162 28.41 24.95 10.21
C TRP B 162 28.82 26.19 11.01
N TYR B 163 28.75 26.08 12.34
CA TYR B 163 29.03 27.22 13.22
C TYR B 163 30.52 27.46 13.42
N VAL B 164 30.93 28.73 13.35
CA VAL B 164 32.33 29.11 13.52
C VAL B 164 32.56 29.60 14.95
N SER B 165 32.06 30.81 15.23
CA SER B 165 32.10 31.46 16.55
C SER B 165 31.52 32.86 16.39
N ASN B 166 31.18 33.51 17.51
CA ASN B 166 30.73 34.91 17.54
C ASN B 166 29.53 35.19 16.62
N GLY B 167 28.64 34.19 16.49
CA GLY B 167 27.40 34.32 15.73
C GLY B 167 27.52 34.15 14.22
N THR B 168 28.70 33.72 13.76
CA THR B 168 28.98 33.55 12.32
C THR B 168 28.86 32.08 11.90
N TRP B 169 28.17 31.85 10.79
CA TRP B 169 28.00 30.51 10.21
C TRP B 169 28.65 30.44 8.84
N ARG B 170 29.14 29.26 8.47
CA ARG B 170 29.67 29.02 7.12
C ARG B 170 28.78 28.07 6.33
N ILE B 171 28.65 28.33 5.03
CA ILE B 171 28.00 27.41 4.10
C ILE B 171 28.90 27.13 2.92
N ALA B 172 28.67 26.01 2.25
CA ALA B 172 29.44 25.67 1.06
C ALA B 172 28.59 25.71 -0.20
N ILE B 173 29.13 26.31 -1.25
CA ILE B 173 28.53 26.23 -2.58
C ILE B 173 29.58 25.69 -3.54
N GLY B 174 29.30 24.52 -4.11
CA GLY B 174 30.14 23.93 -5.14
C GLY B 174 30.00 24.68 -6.44
N ALA B 175 31.05 24.64 -7.25
CA ALA B 175 31.05 25.22 -8.61
C ALA B 175 32.28 24.71 -9.33
N LYS B 176 32.81 25.49 -10.27
CA LYS B 176 34.00 25.09 -11.03
C LYS B 176 34.79 26.27 -11.59
N TYR B 177 36.11 26.14 -11.61
CA TYR B 177 36.98 27.02 -12.37
C TYR B 177 37.49 26.18 -13.52
N ASN B 178 37.16 26.58 -14.74
CA ASN B 178 37.50 25.80 -15.94
C ASN B 178 37.06 24.34 -15.79
N THR B 179 38.00 23.40 -15.72
CA THR B 179 37.63 22.00 -15.50
C THR B 179 37.80 21.54 -14.05
N THR B 180 38.34 22.41 -13.20
CA THR B 180 38.53 22.11 -11.79
C THR B 180 37.25 22.35 -10.99
N GLY B 181 36.78 21.32 -10.31
CA GLY B 181 35.67 21.46 -9.38
C GLY B 181 36.13 22.09 -8.08
N ILE B 182 35.29 22.95 -7.50
CA ILE B 182 35.67 23.72 -6.33
C ILE B 182 34.50 23.85 -5.37
N ALA B 183 34.81 23.98 -4.08
CA ALA B 183 33.82 24.31 -3.07
C ALA B 183 34.12 25.70 -2.48
N MET B 184 33.22 26.65 -2.73
CA MET B 184 33.35 27.99 -2.17
C MET B 184 32.69 28.00 -0.80
N VAL B 185 33.20 28.84 0.10
CA VAL B 185 32.60 29.00 1.42
C VAL B 185 32.21 30.47 1.61
N TYR B 186 30.98 30.67 2.08
CA TYR B 186 30.46 31.99 2.43
C TYR B 186 30.20 32.06 3.92
N GLU B 187 30.49 33.21 4.52
CA GLU B 187 30.14 33.47 5.91
C GLU B 187 28.89 34.32 6.01
N THR B 188 28.10 34.07 7.04
CA THR B 188 26.91 34.86 7.34
C THR B 188 26.62 34.89 8.84
N LYS B 189 25.85 35.88 9.27
CA LYS B 189 25.42 36.00 10.67
C LYS B 189 23.90 35.90 10.77
N ASP B 190 23.23 36.30 9.70
CA ASP B 190 21.79 36.46 9.70
C ASP B 190 21.12 35.63 8.61
N PHE B 191 21.93 34.90 7.84
CA PHE B 191 21.46 34.11 6.69
C PHE B 191 20.70 34.96 5.67
N LYS B 192 21.09 36.23 5.56
CA LYS B 192 20.49 37.17 4.62
C LYS B 192 21.57 37.99 3.89
N SER B 193 22.79 37.95 4.40
CA SER B 193 23.94 38.58 3.75
C SER B 193 25.07 37.58 3.76
N PHE B 194 25.81 37.49 2.66
CA PHE B 194 26.90 36.53 2.56
C PHE B 194 28.20 37.18 2.11
N LYS B 195 29.30 36.74 2.70
CA LYS B 195 30.62 37.23 2.34
C LYS B 195 31.48 36.06 1.88
N LEU B 196 31.92 36.11 0.63
CA LEU B 196 32.75 35.07 0.05
C LEU B 196 34.14 35.13 0.66
N LEU B 197 34.57 34.02 1.25
CA LEU B 197 35.92 33.86 1.76
C LEU B 197 36.89 33.64 0.61
N GLU B 198 38.08 34.25 0.71
CA GLU B 198 39.10 34.14 -0.34
C GLU B 198 39.59 32.70 -0.53
N GLU B 199 39.66 31.95 0.57
CA GLU B 199 40.16 30.58 0.52
C GLU B 199 39.04 29.59 0.21
N LEU B 200 39.23 28.79 -0.83
CA LEU B 200 38.30 27.73 -1.16
C LEU B 200 38.37 26.61 -0.12
N LEU B 201 37.24 25.94 0.13
CA LEU B 201 37.21 24.79 1.02
C LEU B 201 38.16 23.72 0.51
N HIS B 202 38.00 23.38 -0.77
CA HIS B 202 38.93 22.49 -1.47
C HIS B 202 38.66 22.55 -2.98
N ALA B 203 39.61 22.03 -3.76
CA ALA B 203 39.52 21.99 -5.21
C ALA B 203 40.18 20.72 -5.76
N VAL B 204 39.61 20.17 -6.82
CA VAL B 204 40.22 19.02 -7.49
C VAL B 204 40.15 19.21 -9.00
N PRO B 205 41.33 19.22 -9.67
CA PRO B 205 41.40 19.39 -11.13
C PRO B 205 40.76 18.24 -11.90
N ASP B 206 40.31 18.53 -13.12
CA ASP B 206 39.72 17.55 -14.05
C ASP B 206 38.47 16.78 -13.55
N THR B 207 37.69 17.38 -12.65
CA THR B 207 36.46 16.75 -12.17
C THR B 207 35.22 17.37 -12.81
N GLY B 208 35.26 18.69 -12.98
CA GLY B 208 34.13 19.44 -13.50
C GLY B 208 33.25 19.95 -12.36
N LEU B 209 32.04 20.39 -12.72
CA LEU B 209 31.12 21.02 -11.79
C LEU B 209 30.81 20.16 -10.57
N TRP B 210 30.83 20.80 -9.41
CA TRP B 210 30.49 20.19 -8.12
C TRP B 210 29.10 20.66 -7.68
N GLU B 211 28.21 19.70 -7.50
CA GLU B 211 26.86 20.01 -7.02
C GLU B 211 26.67 19.45 -5.63
N CYS B 212 25.61 19.86 -4.95
CA CYS B 212 25.28 19.40 -3.59
C CYS B 212 26.52 19.01 -2.79
N VAL B 213 27.41 19.96 -2.53
CA VAL B 213 28.56 19.67 -1.67
C VAL B 213 28.10 19.51 -0.22
N ASP B 214 28.65 18.52 0.45
CA ASP B 214 28.30 18.22 1.82
C ASP B 214 29.61 18.14 2.60
N LEU B 215 29.69 18.95 3.65
CA LEU B 215 30.80 18.88 4.58
C LEU B 215 30.17 18.44 5.89
N TYR B 216 30.67 17.36 6.47
CA TYR B 216 30.22 16.93 7.78
C TYR B 216 31.29 16.16 8.55
N PRO B 217 31.23 16.23 9.91
CA PRO B 217 32.14 15.47 10.73
C PRO B 217 31.68 14.02 10.98
N VAL B 218 32.64 13.12 11.12
CA VAL B 218 32.36 11.74 11.55
C VAL B 218 33.27 11.40 12.72
N SER B 219 32.80 10.53 13.59
CA SER B 219 33.57 10.12 14.75
C SER B 219 34.50 8.95 14.43
N THR B 220 35.66 8.93 15.08
CA THR B 220 36.66 7.86 14.90
C THR B 220 36.55 6.81 16.00
N THR B 221 35.87 7.18 17.07
CA THR B 221 35.50 6.26 18.15
C THR B 221 34.00 6.38 18.33
N GLY B 222 33.37 5.36 18.90
CA GLY B 222 31.91 5.36 19.08
C GLY B 222 31.14 5.23 17.77
N GLU B 223 29.87 4.85 17.85
CA GLU B 223 29.07 4.56 16.66
C GLU B 223 27.88 5.51 16.48
N LYS B 224 28.07 6.76 16.88
CA LYS B 224 27.03 7.78 16.73
C LYS B 224 27.36 8.77 15.62
N GLY B 225 26.34 9.46 15.14
CA GLY B 225 26.54 10.58 14.21
C GLY B 225 27.03 11.78 14.99
N LEU B 226 27.55 12.78 14.27
CA LEU B 226 27.98 14.01 14.91
C LEU B 226 27.23 15.20 14.35
N GLU B 227 26.81 16.11 15.22
CA GLU B 227 26.15 17.33 14.81
C GLU B 227 27.11 18.11 13.89
N THR B 228 26.56 18.77 12.88
CA THR B 228 27.38 19.36 11.80
C THR B 228 28.47 20.33 12.28
N SER B 229 28.20 21.08 13.34
CA SER B 229 29.14 22.10 13.82
C SER B 229 30.29 21.53 14.68
N VAL B 230 30.26 20.23 14.94
CA VAL B 230 31.26 19.58 15.79
C VAL B 230 32.63 19.53 15.11
N ASN B 231 33.65 19.97 15.83
CA ASN B 231 35.05 19.82 15.40
C ASN B 231 35.98 19.54 16.58
N GLY B 232 37.12 18.90 16.29
CA GLY B 232 38.11 18.54 17.30
C GLY B 232 39.30 17.79 16.74
N PRO B 233 40.23 17.39 17.62
CA PRO B 233 41.44 16.64 17.22
C PRO B 233 41.18 15.18 16.81
N LYS B 234 40.18 14.53 17.41
CA LYS B 234 39.84 13.13 17.08
C LYS B 234 38.61 13.03 16.16
N VAL B 235 38.44 14.02 15.30
CA VAL B 235 37.29 14.11 14.41
C VAL B 235 37.77 14.19 12.96
N LYS B 236 37.10 13.46 12.07
CA LYS B 236 37.40 13.52 10.66
C LYS B 236 36.22 14.08 9.87
N HIS B 237 36.50 14.72 8.75
CA HIS B 237 35.47 15.34 7.95
C HIS B 237 35.32 14.69 6.58
N VAL B 238 34.09 14.33 6.24
CA VAL B 238 33.77 13.84 4.92
C VAL B 238 33.43 15.06 4.08
N LEU B 239 34.20 15.24 3.00
CA LEU B 239 33.80 16.18 1.97
C LEU B 239 33.17 15.37 0.85
N LYS B 240 31.97 15.75 0.46
CA LYS B 240 31.25 15.06 -0.60
C LYS B 240 30.79 16.06 -1.65
N ALA B 241 30.81 15.63 -2.91
CA ALA B 241 30.27 16.42 -4.02
C ALA B 241 29.61 15.56 -5.07
N SER B 242 28.55 16.09 -5.68
CA SER B 242 27.91 15.44 -6.80
C SER B 242 28.63 15.84 -8.08
N ILE B 243 29.29 14.88 -8.72
CA ILE B 243 30.00 15.16 -9.97
C ILE B 243 29.01 15.18 -11.13
N ASP B 244 28.67 16.40 -11.54
CA ASP B 244 27.64 16.67 -12.54
C ASP B 244 27.82 15.93 -13.87
N GLU B 245 29.03 15.96 -14.41
CA GLU B 245 29.33 15.38 -15.72
C GLU B 245 29.17 13.86 -15.74
N GLN B 246 29.39 13.23 -14.59
CA GLN B 246 29.22 11.78 -14.44
C GLN B 246 27.83 11.38 -13.95
N GLN B 247 27.12 12.34 -13.35
CA GLN B 247 25.87 12.13 -12.60
C GLN B 247 26.02 11.06 -11.50
N ARG B 248 27.11 11.17 -10.75
CA ARG B 248 27.42 10.22 -9.66
C ARG B 248 28.02 10.97 -8.49
N ASP B 249 27.75 10.48 -7.27
CA ASP B 249 28.23 11.14 -6.05
C ASP B 249 29.55 10.56 -5.58
N TYR B 250 30.49 11.44 -5.22
CA TYR B 250 31.82 11.04 -4.73
C TYR B 250 32.12 11.66 -3.38
N TYR B 251 32.88 10.95 -2.56
CA TYR B 251 33.28 11.47 -1.25
C TYR B 251 34.71 11.10 -0.93
N ALA B 252 35.29 11.84 0.00
CA ALA B 252 36.59 11.50 0.53
C ALA B 252 36.65 11.81 2.02
N ILE B 253 37.49 11.07 2.73
CA ILE B 253 37.68 11.24 4.16
C ILE B 253 38.91 12.09 4.41
N GLY B 254 38.74 13.17 5.18
CA GLY B 254 39.85 14.07 5.45
C GLY B 254 39.65 14.87 6.72
N THR B 255 40.39 15.96 6.85
CA THR B 255 40.31 16.81 8.04
C THR B 255 40.02 18.23 7.62
N TYR B 256 39.30 18.94 8.49
CA TYR B 256 38.90 20.30 8.21
C TYR B 256 39.32 21.20 9.37
N ASP B 257 39.99 22.30 9.03
CA ASP B 257 40.51 23.26 9.98
C ASP B 257 39.64 24.53 9.94
N LEU B 258 38.94 24.83 11.04
CA LEU B 258 38.13 26.06 11.13
C LEU B 258 38.92 27.33 10.86
N GLY B 259 40.16 27.38 11.36
CA GLY B 259 41.03 28.54 11.21
C GLY B 259 41.43 28.84 9.78
N THR B 260 41.86 27.81 9.05
CA THR B 260 42.30 27.98 7.66
C THR B 260 41.13 27.93 6.69
N ASN B 261 40.10 27.17 7.07
CA ASN B 261 38.93 26.92 6.22
C ASN B 261 39.21 25.89 5.11
N LYS B 262 40.38 25.25 5.17
CA LYS B 262 40.74 24.22 4.21
C LYS B 262 40.24 22.86 4.68
N TRP B 263 39.70 22.10 3.73
CA TRP B 263 39.52 20.68 3.92
C TRP B 263 40.65 20.00 3.16
N THR B 264 41.34 19.09 3.84
CA THR B 264 42.48 18.38 3.29
C THR B 264 42.17 16.89 3.33
N PRO B 265 42.40 16.17 2.21
CA PRO B 265 42.11 14.73 2.17
C PRO B 265 43.19 13.91 2.87
N ASP B 266 42.78 12.78 3.45
CA ASP B 266 43.72 11.84 4.04
C ASP B 266 44.58 11.21 2.94
N ASN B 267 43.97 11.02 1.77
CA ASN B 267 44.61 10.38 0.62
C ASN B 267 44.30 11.13 -0.67
N PRO B 268 45.28 11.95 -1.16
CA PRO B 268 45.16 12.80 -2.35
C PRO B 268 44.85 12.02 -3.63
N GLU B 269 45.30 10.78 -3.72
CA GLU B 269 45.04 9.92 -4.88
C GLU B 269 43.59 9.43 -4.92
N GLU B 270 42.85 9.68 -3.84
CA GLU B 270 41.42 9.33 -3.77
C GLU B 270 40.61 10.52 -3.30
N ASP B 271 40.96 11.69 -3.84
CA ASP B 271 40.29 12.95 -3.52
C ASP B 271 38.86 12.95 -4.04
N VAL B 272 38.16 14.07 -3.85
CA VAL B 272 36.74 14.18 -4.21
C VAL B 272 36.55 14.16 -5.73
N GLY B 273 35.87 13.13 -6.21
CA GLY B 273 35.58 13.01 -7.63
C GLY B 273 36.42 11.97 -8.35
N ILE B 274 37.59 11.67 -7.81
CA ILE B 274 38.49 10.66 -8.40
C ILE B 274 38.70 9.44 -7.51
N GLY B 275 37.84 9.26 -6.51
CA GLY B 275 37.98 8.18 -5.54
C GLY B 275 36.72 7.38 -5.29
N LEU B 276 36.30 7.32 -4.03
CA LEU B 276 35.18 6.48 -3.60
C LEU B 276 33.82 7.14 -3.83
N ARG B 277 32.78 6.30 -3.87
CA ARG B 277 31.39 6.74 -3.95
C ARG B 277 30.56 6.14 -2.82
N TYR B 278 29.51 6.82 -2.41
CA TYR B 278 28.52 6.24 -1.51
C TYR B 278 27.93 4.99 -2.15
N ASP B 279 27.66 5.07 -3.46
CA ASP B 279 26.97 4.01 -4.18
C ASP B 279 27.52 3.88 -5.61
N TRP B 280 27.68 2.63 -6.06
CA TRP B 280 28.27 2.35 -7.36
C TRP B 280 27.24 2.17 -8.49
N GLY B 281 25.96 2.23 -8.12
CA GLY B 281 24.86 2.22 -9.08
C GLY B 281 24.29 3.61 -9.28
N LYS B 282 23.00 3.70 -9.57
CA LYS B 282 22.32 4.97 -9.77
C LYS B 282 21.91 5.60 -8.44
N TYR B 283 22.57 6.71 -8.09
CA TYR B 283 22.52 7.28 -6.76
C TYR B 283 23.12 8.67 -6.87
N TYR B 284 22.28 9.69 -6.78
CA TYR B 284 22.72 11.05 -7.04
C TYR B 284 22.14 12.09 -6.08
N ALA B 285 22.78 13.25 -6.04
CA ALA B 285 22.38 14.40 -5.23
C ALA B 285 22.18 14.06 -3.75
N SER B 286 23.04 13.20 -3.22
CA SER B 286 22.91 12.70 -1.86
C SER B 286 23.18 13.80 -0.83
N LYS B 287 22.30 13.88 0.16
CA LYS B 287 22.32 14.94 1.15
C LYS B 287 22.14 14.32 2.53
N THR B 288 22.94 14.74 3.49
CA THR B 288 22.86 14.21 4.85
C THR B 288 22.28 15.23 5.82
N PHE B 289 21.72 14.73 6.91
CA PHE B 289 21.30 15.59 8.01
C PHE B 289 21.57 14.88 9.33
N TYR B 290 21.68 15.65 10.40
CA TYR B 290 21.85 15.06 11.72
C TYR B 290 20.48 14.72 12.32
N ASP B 291 20.31 13.48 12.73
CA ASP B 291 19.14 13.07 13.51
C ASP B 291 19.47 13.12 15.01
N PRO B 292 18.90 14.11 15.72
CA PRO B 292 19.15 14.28 17.16
C PRO B 292 18.45 13.26 18.05
N LYS B 293 17.35 12.68 17.57
CA LYS B 293 16.59 11.72 18.38
C LYS B 293 17.33 10.39 18.60
N LYS B 294 17.92 9.84 17.54
CA LYS B 294 18.69 8.59 17.65
C LYS B 294 20.20 8.80 17.48
N GLN B 295 20.61 10.06 17.36
CA GLN B 295 22.02 10.48 17.22
C GLN B 295 22.78 9.74 16.14
N ARG B 296 22.35 9.98 14.90
CA ARG B 296 22.92 9.34 13.73
C ARG B 296 22.90 10.34 12.60
N ARG B 297 23.82 10.18 11.64
CA ARG B 297 23.78 10.99 10.44
C ARG B 297 23.13 10.18 9.33
N VAL B 298 22.04 10.71 8.78
CA VAL B 298 21.26 9.99 7.80
C VAL B 298 21.42 10.59 6.40
N VAL B 299 21.59 9.72 5.41
CA VAL B 299 21.78 10.16 4.03
C VAL B 299 20.58 9.84 3.10
N TRP B 300 20.14 10.87 2.39
CA TRP B 300 19.10 10.80 1.38
C TRP B 300 19.74 10.87 0.01
N ALA B 301 19.22 10.09 -0.94
CA ALA B 301 19.68 10.16 -2.33
C ALA B 301 18.61 9.59 -3.26
N TRP B 302 18.51 10.15 -4.46
CA TRP B 302 17.49 9.69 -5.40
C TRP B 302 18.05 8.78 -6.48
N THR B 303 17.22 7.81 -6.88
CA THR B 303 17.56 6.90 -7.98
C THR B 303 16.66 7.20 -9.17
N LYS B 304 17.28 7.58 -10.28
CA LYS B 304 16.57 7.89 -11.52
C LYS B 304 16.01 6.62 -12.15
N GLU B 305 14.99 6.77 -12.99
CA GLU B 305 14.52 5.67 -13.84
C GLU B 305 15.64 5.27 -14.81
N LEU B 306 15.68 3.99 -15.15
CA LEU B 306 16.62 3.48 -16.15
C LEU B 306 15.88 2.84 -17.33
N ASP B 307 14.62 3.23 -17.49
CA ASP B 307 13.84 2.87 -18.66
C ASP B 307 13.72 4.10 -19.55
N SER B 308 12.77 4.10 -20.48
CA SER B 308 12.60 5.22 -21.39
C SER B 308 11.61 6.25 -20.86
N GLU B 309 11.67 7.46 -21.42
CA GLU B 309 10.71 8.52 -21.11
C GLU B 309 9.32 8.17 -21.64
N VAL B 310 9.27 7.47 -22.77
CA VAL B 310 8.03 6.95 -23.33
C VAL B 310 7.28 6.12 -22.27
N ALA B 311 8.03 5.33 -21.52
CA ALA B 311 7.47 4.51 -20.45
C ALA B 311 7.09 5.35 -19.23
N ASP B 312 7.98 6.28 -18.87
CA ASP B 312 7.75 7.22 -17.77
C ASP B 312 6.48 8.04 -17.99
N ARG B 313 6.36 8.60 -19.19
CA ARG B 313 5.19 9.43 -19.54
C ARG B 313 3.92 8.62 -19.51
N GLU B 314 4.03 7.34 -19.90
CA GLU B 314 2.89 6.45 -19.91
C GLU B 314 2.47 6.02 -18.51
N LYS B 315 3.43 5.66 -17.66
CA LYS B 315 3.10 5.29 -16.27
C LYS B 315 2.71 6.50 -15.40
N GLY B 316 3.13 7.70 -15.84
CA GLY B 316 2.72 8.96 -15.23
C GLY B 316 3.58 9.49 -14.10
N TRP B 317 4.70 8.79 -13.83
CA TRP B 317 5.61 9.12 -12.73
C TRP B 317 7.03 8.68 -13.05
N ALA B 318 8.01 9.23 -12.33
CA ALA B 318 9.42 8.96 -12.58
C ALA B 318 10.29 9.17 -11.35
N ASN B 319 11.23 8.24 -11.13
CA ASN B 319 12.22 8.27 -10.06
C ASN B 319 11.68 8.00 -8.65
N VAL B 320 12.50 7.34 -7.83
CA VAL B 320 12.20 7.11 -6.41
C VAL B 320 13.38 7.58 -5.53
N GLN B 321 13.17 7.68 -4.22
CA GLN B 321 14.25 7.86 -3.26
C GLN B 321 14.68 6.50 -2.74
N THR B 322 15.95 6.35 -2.40
CA THR B 322 16.39 5.14 -1.72
C THR B 322 15.88 5.19 -0.28
N ILE B 323 15.88 4.05 0.39
CA ILE B 323 15.66 4.02 1.83
C ILE B 323 16.80 4.80 2.46
N PRO B 324 16.48 5.78 3.32
CA PRO B 324 17.53 6.58 3.94
C PRO B 324 18.53 5.69 4.66
N ARG B 325 19.81 6.05 4.57
CA ARG B 325 20.88 5.27 5.17
C ARG B 325 21.60 6.06 6.26
N THR B 326 22.12 5.38 7.28
CA THR B 326 23.02 6.03 8.22
C THR B 326 24.43 6.07 7.63
N VAL B 327 25.17 7.12 7.99
CA VAL B 327 26.59 7.23 7.63
C VAL B 327 27.43 7.11 8.90
N LEU B 328 28.48 6.29 8.83
CA LEU B 328 29.44 6.18 9.91
C LEU B 328 30.79 5.86 9.30
N LEU B 329 31.86 6.28 9.98
CA LEU B 329 33.20 5.91 9.55
C LEU B 329 33.41 4.42 9.77
N ASP B 330 34.01 3.78 8.79
CA ASP B 330 34.40 2.38 8.91
C ASP B 330 35.67 2.29 9.75
N GLN B 331 35.49 2.00 11.03
CA GLN B 331 36.58 2.07 12.01
C GLN B 331 37.62 0.97 11.82
N LYS B 332 37.26 -0.06 11.07
CA LYS B 332 38.13 -1.18 10.81
C LYS B 332 39.09 -0.94 9.64
N THR B 333 38.84 0.11 8.85
CA THR B 333 39.72 0.49 7.73
C THR B 333 40.17 1.95 7.81
N GLY B 334 39.27 2.81 8.30
CA GLY B 334 39.54 4.24 8.44
C GLY B 334 39.56 4.99 7.12
N THR B 335 39.27 4.29 6.03
CA THR B 335 39.42 4.85 4.69
C THR B 335 38.14 4.81 3.87
N ASN B 336 37.05 4.38 4.48
CA ASN B 336 35.73 4.43 3.85
C ASN B 336 34.60 4.66 4.87
N VAL B 337 33.41 4.96 4.38
CA VAL B 337 32.24 5.08 5.27
C VAL B 337 31.42 3.79 5.27
N LEU B 338 30.52 3.67 6.24
CA LEU B 338 29.56 2.58 6.26
C LEU B 338 28.16 3.15 6.03
N LEU B 339 27.54 2.76 4.93
CA LEU B 339 26.13 3.06 4.65
C LEU B 339 25.26 1.84 4.95
N TRP B 340 24.18 2.06 5.69
CA TRP B 340 23.28 0.99 6.07
C TRP B 340 21.88 1.58 6.19
N PRO B 341 20.86 0.86 5.68
CA PRO B 341 19.48 1.35 5.78
C PRO B 341 19.09 1.64 7.22
N VAL B 342 18.34 2.71 7.44
CA VAL B 342 17.88 3.07 8.78
C VAL B 342 17.12 1.91 9.42
N GLU B 343 17.35 1.71 10.72
CA GLU B 343 16.85 0.51 11.41
C GLU B 343 15.34 0.36 11.31
N GLU B 344 14.65 1.46 11.04
CA GLU B 344 13.18 1.50 10.96
C GLU B 344 12.60 0.75 9.76
N VAL B 345 13.45 0.43 8.78
CA VAL B 345 13.01 -0.37 7.64
C VAL B 345 12.57 -1.78 8.09
N GLU B 346 13.09 -2.21 9.24
CA GLU B 346 12.76 -3.52 9.81
C GLU B 346 11.31 -3.64 10.25
N SER B 347 10.67 -2.51 10.52
CA SER B 347 9.28 -2.50 10.96
C SER B 347 8.33 -2.90 9.83
N LEU B 348 8.86 -3.01 8.62
CA LEU B 348 8.09 -3.46 7.45
C LEU B 348 8.11 -4.97 7.29
N ARG B 349 8.96 -5.65 8.06
CA ARG B 349 9.12 -7.10 7.97
C ARG B 349 7.91 -7.84 8.52
N LEU B 350 7.31 -8.68 7.68
CA LEU B 350 6.13 -9.44 8.09
C LEU B 350 6.50 -10.79 8.69
N SER B 351 7.10 -11.65 7.85
CA SER B 351 7.55 -12.98 8.25
C SER B 351 8.89 -13.32 7.63
N SER B 352 9.61 -14.24 8.26
CA SER B 352 10.93 -14.64 7.79
C SER B 352 10.97 -16.12 7.38
N LYS B 353 11.81 -16.42 6.39
CA LYS B 353 12.15 -17.80 6.07
C LYS B 353 13.66 -17.93 6.05
N GLU B 354 14.18 -19.00 6.67
CA GLU B 354 15.61 -19.20 6.75
C GLU B 354 16.10 -20.34 5.86
N PHE B 355 17.26 -20.14 5.26
CA PHE B 355 17.94 -21.18 4.49
C PHE B 355 19.33 -21.43 5.10
N SER B 356 19.44 -22.52 5.85
CA SER B 356 20.65 -22.83 6.60
C SER B 356 21.63 -23.72 5.81
N LYS B 357 22.82 -23.18 5.54
CA LYS B 357 23.91 -23.90 4.89
C LYS B 357 23.53 -24.56 3.55
N VAL B 358 23.13 -23.74 2.59
CA VAL B 358 22.73 -24.23 1.26
C VAL B 358 23.96 -24.39 0.35
N LYS B 359 24.09 -25.57 -0.24
CA LYS B 359 25.23 -25.87 -1.11
C LYS B 359 24.92 -25.51 -2.56
N ALA B 360 25.80 -24.73 -3.17
CA ALA B 360 25.74 -24.47 -4.61
C ALA B 360 27.09 -24.80 -5.24
N GLY B 361 27.11 -25.85 -6.06
CA GLY B 361 28.31 -26.29 -6.74
C GLY B 361 28.71 -25.38 -7.88
N ALA B 362 29.87 -25.65 -8.46
CA ALA B 362 30.36 -24.90 -9.61
C ALA B 362 29.37 -25.00 -10.77
N GLY B 363 29.00 -23.84 -11.32
CA GLY B 363 28.06 -23.75 -12.43
C GLY B 363 26.64 -24.21 -12.10
N SER B 364 26.21 -24.01 -10.86
CA SER B 364 24.89 -24.45 -10.44
C SER B 364 23.98 -23.31 -10.01
N VAL B 365 22.68 -23.58 -10.03
CA VAL B 365 21.64 -22.62 -9.70
C VAL B 365 20.69 -23.30 -8.72
N VAL B 366 20.50 -22.70 -7.55
CA VAL B 366 19.63 -23.28 -6.53
C VAL B 366 18.43 -22.37 -6.27
N PRO B 367 17.22 -22.85 -6.56
CA PRO B 367 16.01 -22.07 -6.28
C PRO B 367 15.76 -21.87 -4.78
N LEU B 368 15.23 -20.72 -4.42
CA LEU B 368 14.86 -20.42 -3.04
C LEU B 368 13.38 -20.07 -2.95
N ASP B 369 12.59 -21.04 -2.48
CA ASP B 369 11.14 -20.91 -2.38
C ASP B 369 10.75 -19.92 -1.27
N VAL B 370 10.39 -18.71 -1.66
CA VAL B 370 9.97 -17.68 -0.69
C VAL B 370 8.56 -17.17 -0.94
N GLY B 371 7.87 -17.80 -1.90
CA GLY B 371 6.59 -17.30 -2.37
C GLY B 371 6.87 -16.16 -3.32
N THR B 372 6.22 -15.03 -3.10
CA THR B 372 6.41 -13.82 -3.91
C THR B 372 7.76 -13.18 -3.61
N ALA B 373 8.54 -12.93 -4.66
CA ALA B 373 9.89 -12.42 -4.51
C ALA B 373 10.07 -10.98 -5.03
N THR B 374 9.21 -10.08 -4.60
CA THR B 374 9.21 -8.70 -5.12
C THR B 374 9.26 -7.63 -4.04
N GLN B 375 9.01 -8.04 -2.79
CA GLN B 375 9.08 -7.15 -1.64
C GLN B 375 9.83 -7.88 -0.53
N LEU B 376 11.16 -7.86 -0.62
CA LEU B 376 12.02 -8.67 0.23
C LEU B 376 13.11 -7.88 0.93
N ASP B 377 13.49 -8.36 2.11
CA ASP B 377 14.73 -7.94 2.78
C ASP B 377 15.59 -9.19 2.98
N ILE B 378 16.70 -9.25 2.26
CA ILE B 378 17.57 -10.44 2.25
C ILE B 378 18.88 -10.19 2.99
N ILE B 379 19.22 -11.08 3.92
CA ILE B 379 20.54 -11.09 4.53
C ILE B 379 21.21 -12.43 4.28
N ALA B 380 22.26 -12.40 3.46
CA ALA B 380 22.97 -13.62 3.07
C ALA B 380 24.44 -13.56 3.46
N GLU B 381 24.99 -14.71 3.83
CA GLU B 381 26.42 -14.85 4.07
C GLU B 381 26.95 -16.03 3.28
N PHE B 382 28.14 -15.87 2.70
CA PHE B 382 28.69 -16.85 1.79
C PHE B 382 30.05 -17.34 2.27
N GLU B 383 30.31 -18.63 2.07
CA GLU B 383 31.64 -19.21 2.31
C GLU B 383 32.09 -20.03 1.11
N ILE B 384 33.38 -19.99 0.82
CA ILE B 384 33.98 -20.82 -0.22
C ILE B 384 34.51 -22.12 0.40
N ASP B 385 34.18 -23.25 -0.22
CA ASP B 385 34.42 -24.56 0.37
C ASP B 385 35.82 -25.13 0.18
N LYS B 386 36.24 -25.92 1.17
CA LYS B 386 37.47 -26.75 1.14
C LYS B 386 38.60 -26.28 2.06
N GLY B 398 43.07 -6.13 -15.53
CA GLY B 398 42.45 -7.27 -14.86
C GLY B 398 40.93 -7.19 -14.84
N TYR B 399 40.32 -7.70 -13.78
CA TYR B 399 38.87 -7.70 -13.64
C TYR B 399 38.32 -6.32 -13.29
N ASN B 400 37.12 -6.03 -13.79
CA ASN B 400 36.42 -4.76 -13.60
C ASN B 400 34.94 -5.06 -13.84
N CYS B 401 34.08 -4.87 -12.83
CA CYS B 401 32.65 -5.17 -12.97
C CYS B 401 32.11 -4.53 -14.24
N THR B 402 32.40 -3.25 -14.41
CA THR B 402 31.90 -2.42 -15.52
C THR B 402 32.16 -2.99 -16.91
N THR B 403 33.32 -3.63 -17.10
CA THR B 403 33.71 -4.19 -18.41
C THR B 403 33.58 -5.72 -18.49
N SER B 404 33.21 -6.35 -17.38
CA SER B 404 33.04 -7.80 -17.34
C SER B 404 31.77 -8.24 -18.04
N GLY B 405 31.66 -9.55 -18.30
CA GLY B 405 30.46 -10.12 -18.90
C GLY B 405 29.37 -10.40 -17.86
N GLY B 406 29.53 -9.85 -16.66
CA GLY B 406 28.58 -10.05 -15.58
C GLY B 406 28.67 -11.46 -15.01
N ALA B 407 27.51 -12.07 -14.78
CA ALA B 407 27.40 -13.42 -14.23
C ALA B 407 27.83 -14.49 -15.22
N ALA B 408 27.91 -14.11 -16.49
CA ALA B 408 28.34 -15.00 -17.57
C ALA B 408 29.86 -15.22 -17.61
N GLU B 409 30.63 -14.20 -17.24
CA GLU B 409 32.09 -14.32 -17.21
C GLU B 409 32.52 -15.19 -16.03
N ARG B 410 32.74 -16.47 -16.30
CA ARG B 410 33.10 -17.44 -15.27
C ARG B 410 34.58 -17.37 -14.93
N GLY B 411 34.88 -17.36 -13.64
CA GLY B 411 36.26 -17.37 -13.15
C GLY B 411 36.48 -18.46 -12.11
N VAL B 412 37.71 -18.58 -11.63
CA VAL B 412 38.07 -19.62 -10.65
C VAL B 412 37.31 -19.45 -9.32
N LEU B 413 37.21 -18.22 -8.83
CA LEU B 413 36.58 -17.95 -7.54
C LEU B 413 35.41 -16.97 -7.66
N GLY B 414 34.55 -17.20 -8.64
CA GLY B 414 33.41 -16.32 -8.90
C GLY B 414 32.99 -16.37 -10.36
N PRO B 415 31.82 -15.80 -10.70
CA PRO B 415 30.90 -15.05 -9.84
C PRO B 415 29.93 -15.94 -9.05
N PHE B 416 29.58 -15.50 -7.84
CA PHE B 416 28.57 -16.17 -7.04
C PHE B 416 27.76 -15.19 -6.19
N GLY B 417 26.51 -15.53 -5.94
CA GLY B 417 25.63 -14.67 -5.17
C GLY B 417 24.18 -14.99 -5.41
N LEU B 418 23.41 -13.97 -5.73
CA LEU B 418 21.96 -14.11 -5.83
C LEU B 418 21.40 -13.68 -7.17
N LEU B 419 20.27 -14.28 -7.53
CA LEU B 419 19.50 -13.87 -8.69
C LEU B 419 18.14 -13.38 -8.23
N VAL B 420 17.95 -12.07 -8.30
CA VAL B 420 16.65 -11.47 -8.01
C VAL B 420 15.92 -11.15 -9.31
N SER B 421 14.63 -10.83 -9.22
CA SER B 421 13.78 -10.52 -10.37
C SER B 421 14.00 -11.54 -11.48
N ALA B 422 13.94 -12.82 -11.12
CA ALA B 422 14.22 -13.89 -12.05
C ALA B 422 12.97 -14.69 -12.37
N THR B 423 12.95 -15.28 -13.56
CA THR B 423 11.87 -16.17 -13.98
C THR B 423 12.24 -17.63 -13.64
N GLU B 424 11.25 -18.52 -13.69
CA GLU B 424 11.48 -19.96 -13.49
C GLU B 424 12.64 -20.47 -14.34
N ASN B 425 12.55 -20.22 -15.65
CA ASN B 425 13.48 -20.77 -16.61
C ASN B 425 14.69 -19.87 -16.90
N LEU B 426 14.77 -18.76 -16.17
CA LEU B 426 15.90 -17.82 -16.23
C LEU B 426 15.97 -16.98 -17.50
N SER B 427 14.84 -16.82 -18.19
CA SER B 427 14.77 -15.91 -19.34
C SER B 427 15.13 -14.46 -18.97
N GLU B 428 14.76 -14.05 -17.76
CA GLU B 428 15.12 -12.76 -17.18
C GLU B 428 15.74 -12.99 -15.80
N GLN B 429 16.74 -12.19 -15.43
CA GLN B 429 17.44 -12.34 -14.14
C GLN B 429 18.29 -11.13 -13.80
N THR B 430 18.38 -10.82 -12.51
CA THR B 430 19.25 -9.74 -12.05
C THR B 430 20.19 -10.25 -10.97
N PRO B 431 21.41 -10.67 -11.37
CA PRO B 431 22.39 -11.17 -10.41
C PRO B 431 23.01 -10.06 -9.58
N VAL B 432 23.17 -10.32 -8.29
CA VAL B 432 24.02 -9.51 -7.43
C VAL B 432 25.06 -10.49 -6.87
N TYR B 433 26.34 -10.23 -7.11
CA TYR B 433 27.36 -11.25 -6.87
C TYR B 433 28.72 -10.80 -6.34
N PHE B 434 29.48 -11.75 -5.82
CA PHE B 434 30.88 -11.54 -5.47
C PHE B 434 31.80 -12.18 -6.53
N TYR B 435 32.99 -11.60 -6.69
CA TYR B 435 34.00 -12.13 -7.60
C TYR B 435 35.38 -11.91 -7.02
N ILE B 436 36.08 -13.01 -6.72
CA ILE B 436 37.43 -12.94 -6.17
C ILE B 436 38.48 -13.11 -7.27
N ALA B 437 39.33 -12.10 -7.44
CA ALA B 437 40.39 -12.10 -8.46
C ALA B 437 41.77 -11.80 -7.88
N LYS B 438 42.81 -12.37 -8.50
CA LYS B 438 44.20 -12.16 -8.07
C LYS B 438 44.84 -10.92 -8.71
N ASN B 443 47.68 -11.31 -3.62
CA ASN B 443 46.54 -10.60 -3.01
C ASN B 443 45.22 -10.93 -3.68
N PHE B 444 44.15 -11.01 -2.88
CA PHE B 444 42.80 -11.21 -3.41
C PHE B 444 42.02 -9.91 -3.42
N LYS B 445 41.47 -9.56 -4.58
CA LYS B 445 40.56 -8.43 -4.71
C LYS B 445 39.14 -8.95 -4.84
N THR B 446 38.30 -8.58 -3.88
CA THR B 446 36.91 -8.99 -3.91
C THR B 446 36.07 -7.91 -4.61
N PHE B 447 35.43 -8.30 -5.71
CA PHE B 447 34.51 -7.42 -6.41
C PHE B 447 33.09 -7.72 -6.00
N PHE B 448 32.27 -6.67 -5.97
CA PHE B 448 30.86 -6.79 -5.67
C PHE B 448 30.13 -6.07 -6.79
N CYS B 449 29.34 -6.81 -7.58
CA CYS B 449 28.69 -6.22 -8.75
C CYS B 449 27.18 -6.50 -8.83
N LEU B 450 26.50 -5.70 -9.65
CA LEU B 450 25.11 -5.91 -10.00
C LEU B 450 25.00 -5.88 -11.52
N ASP B 451 24.32 -6.88 -12.09
CA ASP B 451 24.32 -7.15 -13.52
C ASP B 451 22.94 -6.95 -14.16
N GLU B 452 22.75 -5.83 -14.85
CA GLU B 452 21.44 -5.49 -15.45
C GLU B 452 21.24 -6.10 -16.84
N SER B 453 22.30 -6.71 -17.38
CA SER B 453 22.35 -7.11 -18.80
C SER B 453 21.24 -8.06 -19.25
N ARG B 454 20.67 -8.82 -18.33
CA ARG B 454 19.55 -9.71 -18.65
C ARG B 454 18.35 -9.55 -17.70
N SER B 455 18.23 -8.37 -17.11
CA SER B 455 17.12 -8.04 -16.20
C SER B 455 15.77 -8.16 -16.89
N SER B 456 15.70 -7.65 -18.11
CA SER B 456 14.45 -7.54 -18.85
C SER B 456 14.62 -7.98 -20.28
N LYS B 457 13.57 -8.59 -20.81
CA LYS B 457 13.49 -8.97 -22.21
C LYS B 457 13.43 -7.69 -23.06
N ALA B 458 12.98 -6.59 -22.46
CA ALA B 458 12.85 -5.30 -23.14
C ALA B 458 14.20 -4.67 -23.50
N SER B 459 14.30 -4.16 -24.72
CA SER B 459 15.56 -3.61 -25.25
C SER B 459 15.78 -2.14 -24.87
N ASP B 460 14.72 -1.44 -24.46
CA ASP B 460 14.80 -0.01 -24.18
C ASP B 460 15.03 0.33 -22.70
N VAL B 461 15.88 -0.47 -22.05
CA VAL B 461 16.28 -0.24 -20.66
C VAL B 461 17.80 -0.31 -20.51
N SER B 462 18.28 -0.03 -19.30
CA SER B 462 19.70 -0.12 -19.00
C SER B 462 20.14 -1.59 -18.86
N LYS B 463 21.24 -1.92 -19.52
CA LYS B 463 21.75 -3.30 -19.58
C LYS B 463 23.18 -3.37 -19.07
N GLN B 464 23.53 -2.50 -18.13
CA GLN B 464 24.92 -2.37 -17.71
C GLN B 464 25.30 -3.19 -16.47
N VAL B 465 26.60 -3.38 -16.27
CA VAL B 465 27.08 -4.05 -15.07
C VAL B 465 27.74 -3.00 -14.16
N LYS B 466 27.31 -2.97 -12.91
CA LYS B 466 27.74 -1.92 -11.99
C LYS B 466 28.38 -2.53 -10.76
N GLY B 467 29.43 -1.90 -10.25
CA GLY B 467 30.12 -2.40 -9.06
C GLY B 467 31.52 -1.85 -8.86
N PHE B 468 32.25 -2.46 -7.93
CA PHE B 468 33.58 -2.02 -7.52
C PHE B 468 34.12 -3.05 -6.55
N THR B 469 35.41 -2.93 -6.22
CA THR B 469 36.01 -3.76 -5.16
C THR B 469 35.40 -3.40 -3.82
N VAL B 470 35.51 -4.34 -2.88
CA VAL B 470 35.03 -4.14 -1.51
C VAL B 470 36.07 -4.73 -0.56
N PRO B 471 36.44 -4.00 0.50
CA PRO B 471 37.38 -4.56 1.45
C PRO B 471 36.80 -5.75 2.18
N VAL B 472 37.54 -6.85 2.19
CA VAL B 472 37.15 -8.04 2.96
C VAL B 472 38.31 -8.33 3.89
N LEU B 473 38.04 -8.29 5.19
CA LEU B 473 39.09 -8.43 6.20
C LEU B 473 39.16 -9.84 6.75
N ASP B 474 40.36 -10.25 7.16
CA ASP B 474 40.58 -11.58 7.76
C ASP B 474 39.53 -11.88 8.82
N GLY B 475 38.83 -13.01 8.65
CA GLY B 475 37.84 -13.46 9.62
C GLY B 475 36.39 -13.31 9.18
N GLU B 476 36.14 -12.38 8.28
CA GLU B 476 34.77 -12.10 7.82
C GLU B 476 34.31 -13.10 6.76
N LYS B 477 33.03 -13.39 6.76
CA LYS B 477 32.42 -14.10 5.64
C LYS B 477 32.10 -13.06 4.56
N PHE B 478 31.86 -13.51 3.33
CA PHE B 478 31.30 -12.62 2.32
C PHE B 478 29.81 -12.48 2.62
N THR B 479 29.36 -11.27 2.90
CA THR B 479 27.96 -11.06 3.25
C THR B 479 27.32 -9.99 2.38
N MET B 480 26.01 -10.12 2.15
CA MET B 480 25.27 -9.09 1.43
C MET B 480 23.83 -8.92 1.96
N ARG B 481 23.34 -7.69 1.90
CA ARG B 481 21.96 -7.39 2.20
C ARG B 481 21.30 -6.83 0.95
N LEU B 482 20.14 -7.38 0.62
CA LEU B 482 19.36 -6.88 -0.48
C LEU B 482 18.02 -6.35 0.00
N LEU B 483 17.62 -5.20 -0.54
CA LEU B 483 16.24 -4.74 -0.42
C LEU B 483 15.61 -4.79 -1.80
N VAL B 484 14.64 -5.67 -1.97
CA VAL B 484 13.91 -5.77 -3.23
C VAL B 484 12.56 -5.10 -3.07
N ASP B 485 12.30 -4.08 -3.87
CA ASP B 485 10.99 -3.43 -3.86
C ASP B 485 10.59 -3.10 -5.28
N HIS B 486 9.99 -4.09 -5.94
CA HIS B 486 9.53 -3.94 -7.31
C HIS B 486 10.65 -3.46 -8.23
N SER B 487 10.50 -2.28 -8.82
CA SER B 487 11.47 -1.80 -9.80
C SER B 487 12.79 -1.28 -9.21
N ILE B 488 13.03 -1.51 -7.91
CA ILE B 488 14.28 -1.04 -7.29
C ILE B 488 14.98 -2.04 -6.36
N VAL B 489 16.25 -2.29 -6.65
CA VAL B 489 17.09 -3.15 -5.83
C VAL B 489 18.15 -2.31 -5.13
N GLU B 490 18.34 -2.55 -3.84
CA GLU B 490 19.42 -1.92 -3.08
C GLU B 490 20.27 -3.00 -2.47
N SER B 491 21.57 -2.97 -2.75
CA SER B 491 22.48 -4.02 -2.27
C SER B 491 23.61 -3.44 -1.45
N PHE B 492 24.03 -4.19 -0.43
CA PHE B 492 25.03 -3.74 0.54
C PHE B 492 25.99 -4.88 0.83
N ALA B 493 27.28 -4.69 0.55
CA ALA B 493 28.28 -5.72 0.85
C ALA B 493 29.03 -5.39 2.13
N GLN B 494 29.41 -6.44 2.86
CA GLN B 494 30.24 -6.34 4.06
C GLN B 494 29.79 -5.22 5.00
N GLY B 495 28.52 -5.22 5.37
CA GLY B 495 27.98 -4.24 6.32
C GLY B 495 27.89 -2.83 5.76
N GLY B 496 27.94 -2.70 4.44
CA GLY B 496 27.75 -1.43 3.78
C GLY B 496 29.03 -0.71 3.43
N ARG B 497 30.12 -1.47 3.28
CA ARG B 497 31.39 -0.93 2.82
C ARG B 497 31.28 -0.55 1.35
N SER B 498 30.43 -1.28 0.65
CA SER B 498 30.14 -1.01 -0.75
C SER B 498 28.64 -1.18 -0.98
N CYS B 499 28.04 -0.23 -1.71
CA CYS B 499 26.61 -0.31 -2.00
C CYS B 499 26.35 -0.14 -3.48
N ILE B 500 25.35 -0.87 -4.00
CA ILE B 500 24.94 -0.74 -5.39
C ILE B 500 23.42 -0.65 -5.48
N THR B 501 22.95 0.45 -6.06
CA THR B 501 21.53 0.67 -6.20
C THR B 501 21.20 0.75 -7.68
N SER B 502 20.24 -0.05 -8.12
CA SER B 502 19.82 -0.05 -9.52
C SER B 502 18.31 -0.19 -9.65
N ARG B 503 17.82 0.05 -10.86
CA ARG B 503 16.41 -0.15 -11.19
C ARG B 503 16.26 -1.32 -12.14
N VAL B 504 15.25 -2.16 -11.91
CA VAL B 504 14.93 -3.25 -12.83
C VAL B 504 13.53 -3.09 -13.42
N TYR B 505 13.37 -3.54 -14.66
CA TYR B 505 12.10 -3.41 -15.37
C TYR B 505 11.76 -4.68 -16.16
N PRO B 506 11.58 -5.82 -15.46
CA PRO B 506 11.32 -7.06 -16.19
C PRO B 506 9.97 -7.07 -16.88
N THR B 507 9.85 -7.88 -17.93
CA THR B 507 8.61 -8.03 -18.66
C THR B 507 7.84 -9.25 -18.21
N GLU B 508 8.55 -10.25 -17.70
CA GLU B 508 7.95 -11.51 -17.27
C GLU B 508 8.15 -11.84 -15.79
N ALA B 509 9.29 -11.43 -15.23
CA ALA B 509 9.58 -11.67 -13.80
C ALA B 509 8.85 -10.68 -12.90
N ILE B 510 7.53 -10.63 -13.03
CA ILE B 510 6.69 -9.69 -12.29
C ILE B 510 5.55 -10.44 -11.59
N TYR B 511 5.05 -9.85 -10.51
CA TYR B 511 4.02 -10.44 -9.65
C TYR B 511 4.43 -11.83 -9.14
N GLY B 512 3.56 -12.83 -9.33
CA GLY B 512 3.84 -14.20 -8.85
C GLY B 512 4.94 -14.93 -9.60
N ALA B 513 5.30 -14.43 -10.77
CA ALA B 513 6.29 -15.08 -11.63
C ALA B 513 7.75 -14.78 -11.26
N ALA B 514 7.97 -13.75 -10.42
CA ALA B 514 9.32 -13.37 -9.98
C ALA B 514 9.85 -14.37 -8.95
N LYS B 515 11.04 -14.89 -9.21
CA LYS B 515 11.65 -15.91 -8.37
C LYS B 515 12.98 -15.42 -7.80
N LEU B 516 13.48 -16.15 -6.80
CA LEU B 516 14.76 -15.86 -6.17
C LEU B 516 15.64 -17.09 -6.28
N PHE B 517 16.89 -16.90 -6.69
CA PHE B 517 17.85 -18.01 -6.81
C PHE B 517 19.18 -17.70 -6.14
N LEU B 518 19.77 -18.73 -5.55
CA LEU B 518 21.17 -18.71 -5.17
C LEU B 518 21.92 -19.32 -6.35
N PHE B 519 23.00 -18.67 -6.78
CA PHE B 519 23.78 -19.19 -7.90
C PHE B 519 25.29 -19.14 -7.67
N ASN B 520 26.00 -20.15 -8.17
CA ASN B 520 27.44 -20.14 -8.22
C ASN B 520 27.85 -20.43 -9.66
N ASN B 521 28.69 -19.56 -10.21
CA ASN B 521 29.16 -19.74 -11.57
C ASN B 521 30.67 -19.71 -11.63
N ALA B 522 31.29 -20.00 -10.49
CA ALA B 522 32.73 -20.24 -10.39
C ALA B 522 33.03 -21.59 -11.01
N THR B 523 34.30 -21.81 -11.34
CA THR B 523 34.71 -23.09 -11.89
C THR B 523 35.53 -23.88 -10.89
N GLY B 524 36.17 -23.17 -9.97
CA GLY B 524 37.16 -23.78 -9.08
C GLY B 524 36.67 -24.18 -7.71
N ALA B 525 35.51 -23.66 -7.30
CA ALA B 525 35.00 -23.90 -5.95
C ALA B 525 33.48 -23.95 -5.88
N SER B 526 32.97 -24.66 -4.87
CA SER B 526 31.56 -24.59 -4.54
C SER B 526 31.40 -23.64 -3.36
N ILE B 527 30.22 -23.05 -3.21
CA ILE B 527 29.96 -22.13 -2.11
C ILE B 527 28.86 -22.61 -1.15
N THR B 528 28.99 -22.22 0.11
CA THR B 528 27.98 -22.51 1.12
C THR B 528 27.41 -21.19 1.64
N ALA B 529 26.09 -21.04 1.49
CA ALA B 529 25.42 -19.81 1.87
C ALA B 529 24.35 -20.03 2.92
N SER B 530 24.32 -19.15 3.91
CA SER B 530 23.20 -19.05 4.83
C SER B 530 22.44 -17.78 4.51
N LEU B 531 21.12 -17.87 4.46
CA LEU B 531 20.27 -16.71 4.17
C LEU B 531 19.14 -16.59 5.17
N LYS B 532 18.61 -15.39 5.27
CA LYS B 532 17.35 -15.13 5.94
C LYS B 532 16.58 -14.12 5.09
N ILE B 533 15.33 -14.44 4.79
CA ILE B 533 14.54 -13.61 3.88
C ILE B 533 13.23 -13.18 4.54
N TRP B 534 13.00 -11.86 4.60
CA TRP B 534 11.77 -11.30 5.13
C TRP B 534 10.89 -10.77 4.02
N GLU B 535 9.58 -11.04 4.11
CA GLU B 535 8.61 -10.39 3.24
C GLU B 535 8.32 -9.03 3.81
N MET B 536 8.24 -8.03 2.92
CA MET B 536 8.10 -6.64 3.31
C MET B 536 6.69 -6.09 3.05
N ASN B 537 6.18 -5.34 4.02
CA ASN B 537 4.86 -4.73 3.90
C ASN B 537 4.97 -3.39 3.21
N SER B 538 3.81 -2.81 2.86
CA SER B 538 3.75 -1.45 2.33
C SER B 538 4.13 -0.44 3.42
N ALA B 539 4.64 0.71 3.00
CA ALA B 539 4.90 1.80 3.93
C ALA B 539 3.62 2.61 4.07
N PHE B 540 2.61 2.24 3.28
CA PHE B 540 1.32 2.93 3.23
C PHE B 540 1.48 4.43 3.06
N ILE B 541 2.27 4.83 2.09
CA ILE B 541 2.49 6.25 1.85
C ILE B 541 1.23 6.84 1.23
N GLN B 542 0.68 7.83 1.92
CA GLN B 542 -0.63 8.42 1.61
C GLN B 542 -0.62 9.87 2.11
N PRO B 543 -1.70 10.62 1.84
CA PRO B 543 -1.75 12.00 2.34
C PRO B 543 -1.85 12.07 3.86
N PHE B 544 -1.41 13.19 4.43
CA PHE B 544 -1.54 13.42 5.87
C PHE B 544 -3.00 13.62 6.28
N HIS B 545 -3.39 12.96 7.36
CA HIS B 545 -4.74 13.09 7.94
C HIS B 545 -4.95 14.46 8.58
#